data_4D9Y
# 
_entry.id   4D9Y 
# 
_audit_conform.dict_name       mmcif_pdbx.dic 
_audit_conform.dict_version    5.379 
_audit_conform.dict_location   http://mmcif.pdb.org/dictionaries/ascii/mmcif_pdbx.dic 
# 
loop_
_database_2.database_id 
_database_2.database_code 
_database_2.pdbx_database_accession 
_database_2.pdbx_DOI 
PDB   4D9Y         pdb_00004d9y 10.2210/pdb4d9y/pdb 
NDB   NA1542       ?            ?                   
RCSB  RCSB070067   ?            ?                   
WWPDB D_1000070067 ?            ?                   
# 
loop_
_pdbx_database_related.db_name 
_pdbx_database_related.db_id 
_pdbx_database_related.details 
_pdbx_database_related.content_type 
PDB 3NP6 'The same sequence complexed with Berberine'    unspecified 
PDB 3NX5 'The same sequence complexed with Sanguinarine' unspecified 
PDB 4D9X 'The same sequence complexed with Coptisine'    unspecified 
# 
_pdbx_database_status.entry_id                        4D9Y 
_pdbx_database_status.status_code                     REL 
_pdbx_database_status.deposit_site                    RCSB 
_pdbx_database_status.process_site                    RCSB 
_pdbx_database_status.recvd_initial_deposition_date   2012-01-12 
_pdbx_database_status.status_code_sf                  REL 
_pdbx_database_status.status_code_mr                  ? 
_pdbx_database_status.SG_entry                        ? 
_pdbx_database_status.status_code_cs                  ? 
_pdbx_database_status.methods_development_category    ? 
_pdbx_database_status.pdb_format_compatible           Y 
_pdbx_database_status.status_code_nmr_data            ? 
# 
loop_
_audit_author.name 
_audit_author.pdbx_ordinal 
'Ferraroni, M.'   1 
'Bazzicalupi, C.' 2 
'Gratteri, P.'    3 
'Bilia, A.R.'     4 
# 
_citation.id                        primary 
_citation.title                     'The crystal structure of Chelerythrine bound to DNA d(CGTACG)' 
_citation.journal_abbrev            'To be Published' 
_citation.journal_volume            ? 
_citation.page_first                ? 
_citation.page_last                 ? 
_citation.year                      ? 
_citation.journal_id_ASTM           ? 
_citation.country                   ? 
_citation.journal_id_ISSN           ? 
_citation.journal_id_CSD            0353 
_citation.book_publisher            ? 
_citation.pdbx_database_id_PubMed   ? 
_citation.pdbx_database_id_DOI      ? 
# 
loop_
_citation_author.citation_id 
_citation_author.name 
_citation_author.ordinal 
_citation_author.identifier_ORCID 
primary 'Ferraroni, M.'   1 ? 
primary 'Bazzicalupi, C.' 2 ? 
primary 'Gratteri, P.'    3 ? 
primary 'Bilia, A.R.'     4 ? 
# 
_cell.entry_id           4D9Y 
_cell.length_a           30.231 
_cell.length_b           30.231 
_cell.length_c           119.247 
_cell.angle_alpha        90.00 
_cell.angle_beta         90.00 
_cell.angle_gamma        120.00 
_cell.Z_PDB              24 
_cell.pdbx_unique_axis   ? 
_cell.length_a_esd       ? 
_cell.length_b_esd       ? 
_cell.length_c_esd       ? 
_cell.angle_alpha_esd    ? 
_cell.angle_beta_esd     ? 
_cell.angle_gamma_esd    ? 
# 
_symmetry.entry_id                         4D9Y 
_symmetry.space_group_name_H-M             'P 32 2 1' 
_symmetry.pdbx_full_space_group_name_H-M   ? 
_symmetry.cell_setting                     ? 
_symmetry.Int_Tables_number                154 
_symmetry.space_group_name_Hall            ? 
# 
loop_
_entity.id 
_entity.type 
_entity.src_method 
_entity.pdbx_description 
_entity.formula_weight 
_entity.pdbx_number_of_molecules 
_entity.pdbx_ec 
_entity.pdbx_mutation 
_entity.pdbx_fragment 
_entity.details 
1 polymer     syn 
;DNA (5'-D(*CP*GP*TP*AP*CP*G)-3')
;
1809.217 4  ? ? ? ? 
2 non-polymer syn '1,2-dimethoxy-12-methyl[1,3]benzodioxolo[5,6-c]phenanthridin-12-ium' 348.372  1  ? ? ? ? 
3 non-polymer syn 'CALCIUM ION'                                                         40.078   1  ? ? ? ? 
4 water       nat water                                                                 18.015   11 ? ? ? ? 
# 
_entity_poly.entity_id                      1 
_entity_poly.type                           polydeoxyribonucleotide 
_entity_poly.nstd_linkage                   no 
_entity_poly.nstd_monomer                   no 
_entity_poly.pdbx_seq_one_letter_code       '(DC)(DG)(DT)(DA)(DC)(DG)' 
_entity_poly.pdbx_seq_one_letter_code_can   CGTACG 
_entity_poly.pdbx_strand_id                 A,B,C,D 
_entity_poly.pdbx_target_identifier         ? 
# 
loop_
_entity_poly_seq.entity_id 
_entity_poly_seq.num 
_entity_poly_seq.mon_id 
_entity_poly_seq.hetero 
1 1 DC n 
1 2 DG n 
1 3 DT n 
1 4 DA n 
1 5 DC n 
1 6 DG n 
# 
_pdbx_entity_src_syn.entity_id              1 
_pdbx_entity_src_syn.pdbx_src_id            1 
_pdbx_entity_src_syn.pdbx_alt_source_flag   sample 
_pdbx_entity_src_syn.pdbx_beg_seq_num       ? 
_pdbx_entity_src_syn.pdbx_end_seq_num       ? 
_pdbx_entity_src_syn.organism_scientific    ? 
_pdbx_entity_src_syn.organism_common_name   ? 
_pdbx_entity_src_syn.ncbi_taxonomy_id       ? 
_pdbx_entity_src_syn.details                'synthetic DNA' 
# 
_struct_ref.id                         1 
_struct_ref.db_name                    PDB 
_struct_ref.db_code                    4D9Y 
_struct_ref.pdbx_db_accession          4D9Y 
_struct_ref.entity_id                  1 
_struct_ref.pdbx_align_begin           ? 
_struct_ref.pdbx_seq_one_letter_code   CGTACG 
_struct_ref.pdbx_db_isoform            ? 
# 
loop_
_struct_ref_seq.align_id 
_struct_ref_seq.ref_id 
_struct_ref_seq.pdbx_PDB_id_code 
_struct_ref_seq.pdbx_strand_id 
_struct_ref_seq.seq_align_beg 
_struct_ref_seq.pdbx_seq_align_beg_ins_code 
_struct_ref_seq.seq_align_end 
_struct_ref_seq.pdbx_seq_align_end_ins_code 
_struct_ref_seq.pdbx_db_accession 
_struct_ref_seq.db_align_beg 
_struct_ref_seq.pdbx_db_align_beg_ins_code 
_struct_ref_seq.db_align_end 
_struct_ref_seq.pdbx_db_align_end_ins_code 
_struct_ref_seq.pdbx_auth_seq_align_beg 
_struct_ref_seq.pdbx_auth_seq_align_end 
1 1 4D9Y A 1 ? 6 ? 4D9Y 101 ? 106 ? 101 106 
2 1 4D9Y B 1 ? 6 ? 4D9Y 207 ? 212 ? 207 212 
3 1 4D9Y C 1 ? 6 ? 4D9Y 301 ? 306 ? 301 306 
4 1 4D9Y D 1 ? 6 ? 4D9Y 407 ? 412 ? 407 412 
# 
loop_
_chem_comp.id 
_chem_comp.type 
_chem_comp.mon_nstd_flag 
_chem_comp.name 
_chem_comp.pdbx_synonyms 
_chem_comp.formula 
_chem_comp.formula_weight 
CA  non-polymer   . 'CALCIUM ION'                                                         ?             'Ca 2'            40.078  
CTI non-polymer   . '1,2-dimethoxy-12-methyl[1,3]benzodioxolo[5,6-c]phenanthridin-12-ium' chelerythrine 'C21 H18 N O4 1'  348.372 
DA  'DNA linking' y "2'-DEOXYADENOSINE-5'-MONOPHOSPHATE"                                  ?             'C10 H14 N5 O6 P' 331.222 
DC  'DNA linking' y "2'-DEOXYCYTIDINE-5'-MONOPHOSPHATE"                                   ?             'C9 H14 N3 O7 P'  307.197 
DG  'DNA linking' y "2'-DEOXYGUANOSINE-5'-MONOPHOSPHATE"                                  ?             'C10 H14 N5 O7 P' 347.221 
DT  'DNA linking' y "THYMIDINE-5'-MONOPHOSPHATE"                                          ?             'C10 H15 N2 O8 P' 322.208 
HOH non-polymer   . WATER                                                                 ?             'H2 O'            18.015  
# 
_exptl.entry_id          4D9Y 
_exptl.method            'X-RAY DIFFRACTION' 
_exptl.crystals_number   1 
# 
_exptl_crystal.id                    1 
_exptl_crystal.density_meas          ? 
_exptl_crystal.density_Matthews      2.19 
_exptl_crystal.density_percent_sol   43.89 
_exptl_crystal.description           ? 
_exptl_crystal.F_000                 ? 
_exptl_crystal.preparation           ? 
# 
_exptl_crystal_grow.crystal_id      1 
_exptl_crystal_grow.method          'VAPOR DIFFUSION' 
_exptl_crystal_grow.temp            296 
_exptl_crystal_grow.temp_details    ? 
_exptl_crystal_grow.pH              6.5 
_exptl_crystal_grow.pdbx_pH_range   ? 
_exptl_crystal_grow.pdbx_details    'MPD, MgCl2, NaCl, KCL, spermine, pH 6.5, VAPOR DIFFUSION, temperature 296K' 
# 
_diffrn.id                     1 
_diffrn.ambient_temp           100 
_diffrn.ambient_temp_details   ? 
_diffrn.crystal_id             1 
# 
_diffrn_detector.diffrn_id              1 
_diffrn_detector.detector               CCD 
_diffrn_detector.type                   'PILATUS 2M' 
_diffrn_detector.pdbx_collection_date   2011-03-13 
_diffrn_detector.details                ? 
# 
_diffrn_radiation.diffrn_id                        1 
_diffrn_radiation.wavelength_id                    1 
_diffrn_radiation.pdbx_monochromatic_or_laue_m_l   M 
_diffrn_radiation.monochromator                    'double-crystal Si(111)' 
_diffrn_radiation.pdbx_diffrn_protocol             'SINGLE WAVELENGTH' 
_diffrn_radiation.pdbx_scattering_type             x-ray 
# 
_diffrn_radiation_wavelength.id           1 
_diffrn_radiation_wavelength.wavelength   1.000 
_diffrn_radiation_wavelength.wt           1.0 
# 
_diffrn_source.diffrn_id                   1 
_diffrn_source.source                      SYNCHROTRON 
_diffrn_source.type                        'ELETTRA BEAMLINE 5.2R' 
_diffrn_source.pdbx_synchrotron_site       ELETTRA 
_diffrn_source.pdbx_synchrotron_beamline   5.2R 
_diffrn_source.pdbx_wavelength             ? 
_diffrn_source.pdbx_wavelength_list        1.000 
# 
_reflns.pdbx_diffrn_id               1 
_reflns.pdbx_ordinal                 1 
_reflns.entry_id                     4D9Y 
_reflns.observed_criterion_sigma_I   -3.000 
_reflns.observed_criterion_sigma_F   ? 
_reflns.d_resolution_low             30.0 
_reflns.d_resolution_high            2.100 
_reflns.number_obs                   4087 
_reflns.number_all                   ? 
_reflns.percent_possible_obs         99.000 
_reflns.pdbx_Rmerge_I_obs            0.089 
_reflns.pdbx_Rsym_value              ? 
_reflns.pdbx_netI_over_sigmaI        13.390 
_reflns.B_iso_Wilson_estimate        46.830 
_reflns.pdbx_redundancy              ? 
_reflns.R_free_details               ? 
_reflns.pdbx_chi_squared             ? 
_reflns.pdbx_scaling_rejects         ? 
# 
loop_
_reflns_shell.pdbx_diffrn_id 
_reflns_shell.pdbx_ordinal 
_reflns_shell.d_res_high 
_reflns_shell.d_res_low 
_reflns_shell.percent_possible_all 
_reflns_shell.Rmerge_I_obs 
_reflns_shell.pdbx_Rsym_value 
_reflns_shell.meanI_over_sigI_obs 
_reflns_shell.pdbx_redundancy 
_reflns_shell.percent_possible_obs 
_reflns_shell.number_unique_all 
_reflns_shell.number_measured_all 
_reflns_shell.number_measured_obs 
_reflns_shell.number_unique_obs 
_reflns_shell.pdbx_chi_squared 
1 1 2.100 2.230 97.800 0.226 ? 5.340  ? ? ? ? ? ? ? 
1 2 2.230 2.380 99.700 0.187 ? 7.620  ? ? ? ? ? ? ? 
1 3 2.380 2.570 98.900 0.117 ? 12.230 ? ? ? ? ? ? ? 
1 4 2.570 2.810 99.000 0.111 ? 14.290 ? ? ? ? ? ? ? 
1 5 2.810 3.140 99.400 0.092 ? 16.980 ? ? ? ? ? ? ? 
1 6 3.140 3.630 99.300 0.089 ? 18.840 ? ? ? ? ? ? ? 
1 7 3.630 4.430 99.500 0.085 ? 19.330 ? ? ? ? ? ? ? 
1 8 4.430 6.230 99.300 0.078 ? 18.790 ? ? ? ? ? ? ? 
1 9 6.230 30.0  97.900 0.083 ? 17.570 ? ? ? ? ? ? ? 
# 
_refine.pdbx_refine_id                           'X-RAY DIFFRACTION' 
_refine.entry_id                                 4D9Y 
_refine.pdbx_diffrn_id                           1 
_refine.pdbx_TLS_residual_ADP_flag               ? 
_refine.ls_number_reflns_obs                     4087 
_refine.ls_number_reflns_all                     ? 
_refine.pdbx_ls_sigma_I                          ? 
_refine.pdbx_ls_sigma_F                          0.0 
_refine.pdbx_data_cutoff_high_absF               ? 
_refine.pdbx_data_cutoff_low_absF                ? 
_refine.pdbx_data_cutoff_high_rms_absF           ? 
_refine.ls_d_res_low                             20.0 
_refine.ls_d_res_high                            2.10 
_refine.ls_percent_reflns_obs                    93.9 
_refine.ls_R_factor_obs                          ? 
_refine.ls_R_factor_all                          ? 
_refine.ls_R_factor_R_work                       0.2196 
_refine.ls_R_factor_R_free                       0.3140 
_refine.ls_R_factor_R_free_error                 ? 
_refine.ls_R_factor_R_free_error_details         ? 
_refine.ls_percent_reflns_R_free                 ? 
_refine.ls_number_reflns_R_free                  209 
_refine.ls_number_parameters                     ? 
_refine.ls_number_restraints                     ? 
_refine.occupancy_min                            1.000 
_refine.occupancy_max                            1.000 
_refine.correlation_coeff_Fo_to_Fc               ? 
_refine.correlation_coeff_Fo_to_Fc_free          ? 
_refine.B_iso_mean                               54.1262 
_refine.aniso_B[1][1]                            ? 
_refine.aniso_B[2][2]                            ? 
_refine.aniso_B[3][3]                            ? 
_refine.aniso_B[1][2]                            ? 
_refine.aniso_B[1][3]                            ? 
_refine.aniso_B[2][3]                            ? 
_refine.solvent_model_details                    ? 
_refine.solvent_model_param_ksol                 ? 
_refine.solvent_model_param_bsol                 ? 
_refine.pdbx_solvent_vdw_probe_radii             ? 
_refine.pdbx_solvent_ion_probe_radii             ? 
_refine.pdbx_solvent_shrinkage_radii             ? 
_refine.pdbx_ls_cross_valid_method               'FREE R' 
_refine.details                                  'Crystal was merohedrally twinned with a fraction of 0.46 and twin law -h, -k, l' 
_refine.pdbx_starting_model                      'PDB ENTRY 3NP6' 
_refine.pdbx_method_to_determine_struct          'MOLECULAR REPLACEMENT' 
_refine.pdbx_isotropic_thermal_model             ? 
_refine.pdbx_stereochemistry_target_values       'Engh & Huber' 
_refine.pdbx_stereochem_target_val_spec_case     ? 
_refine.pdbx_R_Free_selection_details            'Reflections were chosen in thin resolution shells' 
_refine.pdbx_overall_ESU_R                       ? 
_refine.pdbx_overall_ESU_R_Free                  ? 
_refine.overall_SU_ML                            ? 
_refine.pdbx_overall_phase_error                 ? 
_refine.overall_SU_B                             ? 
_refine.overall_SU_R_Cruickshank_DPI             ? 
_refine.pdbx_overall_SU_R_free_Cruickshank_DPI   ? 
_refine.pdbx_overall_SU_R_Blow_DPI               ? 
_refine.pdbx_overall_SU_R_free_Blow_DPI          ? 
_refine.ls_redundancy_reflns_obs                 ? 
_refine.overall_SU_R_free                        ? 
_refine.ls_wR_factor_R_free                      ? 
_refine.ls_wR_factor_R_work                      ? 
_refine.overall_FOM_free_R_set                   ? 
_refine.overall_FOM_work_R_set                   ? 
# 
_refine_hist.pdbx_refine_id                   'X-RAY DIFFRACTION' 
_refine_hist.cycle_id                         LAST 
_refine_hist.pdbx_number_atoms_protein        0 
_refine_hist.pdbx_number_atoms_nucleic_acid   450 
_refine_hist.pdbx_number_atoms_ligand         27 
_refine_hist.number_atoms_solvent             11 
_refine_hist.number_atoms_total               488 
_refine_hist.d_res_high                       2.10 
_refine_hist.d_res_low                        20.0 
# 
loop_
_refine_ls_restr.type 
_refine_ls_restr.dev_ideal 
_refine_ls_restr.dev_ideal_target 
_refine_ls_restr.weight 
_refine_ls_restr.number 
_refine_ls_restr.pdbx_refine_id 
_refine_ls_restr.pdbx_restraint_function 
s_bond_d               0.006 ? ? ? 'X-RAY DIFFRACTION' ? 
s_angle_d              0.026 ? ? ? 'X-RAY DIFFRACTION' ? 
s_similar_dist         ?     ? ? ? 'X-RAY DIFFRACTION' ? 
s_from_restr_planes    ?     ? ? ? 'X-RAY DIFFRACTION' ? 
s_zero_chiral_vol      ?     ? ? ? 'X-RAY DIFFRACTION' ? 
s_non_zero_chiral_vol  0.005 ? ? ? 'X-RAY DIFFRACTION' ? 
s_anti_bump_dis_restr  ?     ? ? ? 'X-RAY DIFFRACTION' ? 
s_rigid_bond_adp_cmpnt ?     ? ? ? 'X-RAY DIFFRACTION' ? 
s_similar_adp_cmpnt    ?     ? ? ? 'X-RAY DIFFRACTION' ? 
s_approx_iso_adps      ?     ? ? ? 'X-RAY DIFFRACTION' ? 
# 
_refine_ls_shell.pdbx_refine_id                   'X-RAY DIFFRACTION' 
_refine_ls_shell.pdbx_total_number_of_bins_used   ? 
_refine_ls_shell.d_res_high                       2.10 
_refine_ls_shell.d_res_low                        2.19 
_refine_ls_shell.number_reflns_R_work             ? 
_refine_ls_shell.R_factor_R_work                  0.373 
_refine_ls_shell.percent_reflns_obs               85.29 
_refine_ls_shell.R_factor_R_free                  ? 
_refine_ls_shell.R_factor_R_free_error            ? 
_refine_ls_shell.percent_reflns_R_free            ? 
_refine_ls_shell.number_reflns_R_free             ? 
_refine_ls_shell.number_reflns_all                ? 
_refine_ls_shell.R_factor_all                     ? 
_refine_ls_shell.redundancy_reflns_obs            ? 
_refine_ls_shell.number_reflns_obs                ? 
# 
_pdbx_refine.pdbx_refine_id                              'X-RAY DIFFRACTION' 
_pdbx_refine.entry_id                                    4D9Y 
_pdbx_refine.R_factor_all_no_cutoff                      ? 
_pdbx_refine.R_factor_obs_no_cutoff                      0.2196 
_pdbx_refine.free_R_factor_no_cutoff                     ? 
_pdbx_refine.free_R_error_no_cutoff                      ? 
_pdbx_refine.free_R_val_test_set_size_perc_no_cutoff     ? 
_pdbx_refine.free_R_val_test_set_ct_no_cutoff            ? 
_pdbx_refine.R_factor_all_4sig_cutoff                    ? 
_pdbx_refine.R_factor_obs_4sig_cutoff                    ? 
_pdbx_refine.free_R_factor_4sig_cutoff                   ? 
_pdbx_refine.free_R_val_test_set_size_perc_4sig_cutoff   ? 
_pdbx_refine.free_R_val_test_set_ct_4sig_cutoff          ? 
_pdbx_refine.number_reflns_obs_4sig_cutoff               ? 
# 
_struct.entry_id                  4D9Y 
_struct.title                     'The crystal structure of Chelerythrine bound to DNA d(CGTACG)' 
_struct.pdbx_model_details        ? 
_struct.pdbx_CASP_flag            ? 
_struct.pdbx_model_type_details   ? 
# 
_struct_keywords.entry_id        4D9Y 
_struct_keywords.text            'DRUG-DNA COMPLEX, DOUBLE HELIX, DNA' 
_struct_keywords.pdbx_keywords   DNA 
# 
loop_
_struct_asym.id 
_struct_asym.pdbx_blank_PDB_chainid_flag 
_struct_asym.pdbx_modified 
_struct_asym.entity_id 
_struct_asym.details 
A N N 1 ? 
B N N 1 ? 
C N N 1 ? 
D N N 1 ? 
E N N 2 ? 
F N N 3 ? 
G N N 4 ? 
H N N 4 ? 
I N N 4 ? 
J N N 4 ? 
# 
_struct_biol.id        1 
_struct_biol.details   ? 
# 
loop_
_struct_conn.id 
_struct_conn.conn_type_id 
_struct_conn.pdbx_leaving_atom_flag 
_struct_conn.pdbx_PDB_id 
_struct_conn.ptnr1_label_asym_id 
_struct_conn.ptnr1_label_comp_id 
_struct_conn.ptnr1_label_seq_id 
_struct_conn.ptnr1_label_atom_id 
_struct_conn.pdbx_ptnr1_label_alt_id 
_struct_conn.pdbx_ptnr1_PDB_ins_code 
_struct_conn.pdbx_ptnr1_standard_comp_id 
_struct_conn.ptnr1_symmetry 
_struct_conn.ptnr2_label_asym_id 
_struct_conn.ptnr2_label_comp_id 
_struct_conn.ptnr2_label_seq_id 
_struct_conn.ptnr2_label_atom_id 
_struct_conn.pdbx_ptnr2_label_alt_id 
_struct_conn.pdbx_ptnr2_PDB_ins_code 
_struct_conn.ptnr1_auth_asym_id 
_struct_conn.ptnr1_auth_comp_id 
_struct_conn.ptnr1_auth_seq_id 
_struct_conn.ptnr2_auth_asym_id 
_struct_conn.ptnr2_auth_comp_id 
_struct_conn.ptnr2_auth_seq_id 
_struct_conn.ptnr2_symmetry 
_struct_conn.pdbx_ptnr3_label_atom_id 
_struct_conn.pdbx_ptnr3_label_seq_id 
_struct_conn.pdbx_ptnr3_label_comp_id 
_struct_conn.pdbx_ptnr3_label_asym_id 
_struct_conn.pdbx_ptnr3_label_alt_id 
_struct_conn.pdbx_ptnr3_PDB_ins_code 
_struct_conn.details 
_struct_conn.pdbx_dist_value 
_struct_conn.pdbx_value_order 
_struct_conn.pdbx_role 
metalc1  metalc ? ? B DG 6 OP1 ? ? ? 1_555 F CA . CA  ? ? B DG 212 B CA 501 1_555 ? ? ? ? ? ? ?            2.215 ? ? 
metalc2  metalc ? ? F CA . CA  ? ? ? 1_555 D DG 6 OP1 ? ? B CA 501 D DG 412 1_555 ? ? ? ? ? ? ?            2.269 ? ? 
hydrog1  hydrog ? ? A DG 2 N1  ? ? ? 1_555 B DC 5 N3  ? ? A DG 102 B DC 211 1_555 ? ? ? ? ? ? WATSON-CRICK ?     ? ? 
hydrog2  hydrog ? ? A DG 2 N2  ? ? ? 1_555 B DC 5 O2  ? ? A DG 102 B DC 211 1_555 ? ? ? ? ? ? WATSON-CRICK ?     ? ? 
hydrog3  hydrog ? ? A DG 2 O6  ? ? ? 1_555 B DC 5 N4  ? ? A DG 102 B DC 211 1_555 ? ? ? ? ? ? WATSON-CRICK ?     ? ? 
hydrog4  hydrog ? ? A DG 2 N2  ? ? ? 1_555 D DG 6 N3  ? ? A DG 102 D DG 412 1_555 ? ? ? ? ? ? TYPE_4_PAIR  ?     ? ? 
hydrog5  hydrog ? ? A DG 2 N3  ? ? ? 1_555 D DG 6 N2  ? ? A DG 102 D DG 412 1_555 ? ? ? ? ? ? TYPE_4_PAIR  ?     ? ? 
hydrog6  hydrog ? ? A DT 3 N3  ? ? ? 1_555 B DA 4 N1  ? ? A DT 103 B DA 210 1_555 ? ? ? ? ? ? WATSON-CRICK ?     ? ? 
hydrog7  hydrog ? ? A DT 3 O4  ? ? ? 1_555 B DA 4 N6  ? ? A DT 103 B DA 210 1_555 ? ? ? ? ? ? WATSON-CRICK ?     ? ? 
hydrog8  hydrog ? ? A DA 4 N1  ? ? ? 1_555 B DT 3 N3  ? ? A DA 104 B DT 209 1_555 ? ? ? ? ? ? WATSON-CRICK ?     ? ? 
hydrog9  hydrog ? ? A DA 4 N6  ? ? ? 1_555 B DT 3 O4  ? ? A DA 104 B DT 209 1_555 ? ? ? ? ? ? WATSON-CRICK ?     ? ? 
hydrog10 hydrog ? ? A DC 5 N3  ? ? ? 1_555 B DG 2 N1  ? ? A DC 105 B DG 208 1_555 ? ? ? ? ? ? WATSON-CRICK ?     ? ? 
hydrog11 hydrog ? ? A DC 5 N4  ? ? ? 1_555 B DG 2 O6  ? ? A DC 105 B DG 208 1_555 ? ? ? ? ? ? WATSON-CRICK ?     ? ? 
hydrog12 hydrog ? ? A DC 5 O2  ? ? ? 1_555 B DG 2 N2  ? ? A DC 105 B DG 208 1_555 ? ? ? ? ? ? WATSON-CRICK ?     ? ? 
hydrog13 hydrog ? ? B DG 6 N2  ? ? ? 1_555 C DG 2 N3  ? ? B DG 212 C DG 302 1_555 ? ? ? ? ? ? TYPE_4_PAIR  ?     ? ? 
hydrog14 hydrog ? ? B DG 6 N3  ? ? ? 1_555 C DG 2 N2  ? ? B DG 212 C DG 302 1_555 ? ? ? ? ? ? TYPE_4_PAIR  ?     ? ? 
hydrog15 hydrog ? ? C DG 2 N1  ? ? ? 1_555 D DC 5 N3  ? ? C DG 302 D DC 411 1_555 ? ? ? ? ? ? WATSON-CRICK ?     ? ? 
hydrog16 hydrog ? ? C DG 2 N2  ? ? ? 1_555 D DC 5 O2  ? ? C DG 302 D DC 411 1_555 ? ? ? ? ? ? WATSON-CRICK ?     ? ? 
hydrog17 hydrog ? ? C DG 2 O6  ? ? ? 1_555 D DC 5 N4  ? ? C DG 302 D DC 411 1_555 ? ? ? ? ? ? WATSON-CRICK ?     ? ? 
hydrog18 hydrog ? ? C DT 3 N3  ? ? ? 1_555 D DA 4 N1  ? ? C DT 303 D DA 410 1_555 ? ? ? ? ? ? WATSON-CRICK ?     ? ? 
hydrog19 hydrog ? ? C DT 3 O4  ? ? ? 1_555 D DA 4 N6  ? ? C DT 303 D DA 410 1_555 ? ? ? ? ? ? WATSON-CRICK ?     ? ? 
hydrog20 hydrog ? ? C DA 4 N1  ? ? ? 1_555 D DT 3 N3  ? ? C DA 304 D DT 409 1_555 ? ? ? ? ? ? 'DA-DT PAIR' ?     ? ? 
hydrog21 hydrog ? ? C DC 5 N3  ? ? ? 1_555 D DG 2 N1  ? ? C DC 305 D DG 408 1_555 ? ? ? ? ? ? WATSON-CRICK ?     ? ? 
hydrog22 hydrog ? ? C DC 5 N4  ? ? ? 1_555 D DG 2 O6  ? ? C DC 305 D DG 408 1_555 ? ? ? ? ? ? WATSON-CRICK ?     ? ? 
hydrog23 hydrog ? ? C DC 5 O2  ? ? ? 1_555 D DG 2 N2  ? ? C DC 305 D DG 408 1_555 ? ? ? ? ? ? WATSON-CRICK ?     ? ? 
# 
loop_
_struct_conn_type.id 
_struct_conn_type.criteria 
_struct_conn_type.reference 
metalc ? ? 
hydrog ? ? 
# 
loop_
_struct_site.id 
_struct_site.pdbx_evidence_code 
_struct_site.pdbx_auth_asym_id 
_struct_site.pdbx_auth_comp_id 
_struct_site.pdbx_auth_seq_id 
_struct_site.pdbx_auth_ins_code 
_struct_site.pdbx_num_residues 
_struct_site.details 
AC1 Software A CTI 201 ? 11 'BINDING SITE FOR RESIDUE CTI A 201' 
AC2 Software B CA  501 ? 4  'BINDING SITE FOR RESIDUE CA B 501'  
# 
loop_
_struct_site_gen.id 
_struct_site_gen.site_id 
_struct_site_gen.pdbx_num_res 
_struct_site_gen.label_comp_id 
_struct_site_gen.label_asym_id 
_struct_site_gen.label_seq_id 
_struct_site_gen.pdbx_auth_ins_code 
_struct_site_gen.auth_comp_id 
_struct_site_gen.auth_asym_id 
_struct_site_gen.auth_seq_id 
_struct_site_gen.label_atom_id 
_struct_site_gen.label_alt_id 
_struct_site_gen.symmetry 
_struct_site_gen.details 
1  AC1 11 DC  A 5 ? DC  A 105 . ? 1_555 ? 
2  AC1 11 DG  A 6 ? DG  A 106 . ? 1_555 ? 
3  AC1 11 HOH G . ? HOH A 301 . ? 1_555 ? 
4  AC1 11 DC  B 1 ? DC  B 207 . ? 4_555 ? 
5  AC1 11 DG  B 2 ? DG  B 208 . ? 1_555 ? 
6  AC1 11 HOH H . ? HOH B 602 . ? 1_555 ? 
7  AC1 11 DC  C 5 ? DC  C 305 . ? 1_455 ? 
8  AC1 11 DG  C 6 ? DG  C 306 . ? 1_455 ? 
9  AC1 11 DC  D 1 ? DC  D 407 . ? 4_545 ? 
10 AC1 11 DG  D 2 ? DG  D 408 . ? 1_455 ? 
11 AC1 11 HOH J . ? HOH D 502 . ? 4_545 ? 
12 AC2 4  DC  B 5 ? DC  B 211 . ? 5_555 ? 
13 AC2 4  DG  B 6 ? DG  B 212 . ? 5_555 ? 
14 AC2 4  DG  B 6 ? DG  B 212 . ? 1_555 ? 
15 AC2 4  DG  D 6 ? DG  D 412 . ? 1_555 ? 
# 
_atom_sites.entry_id                    4D9Y 
_atom_sites.fract_transf_matrix[1][1]   0.01851224 
_atom_sites.fract_transf_matrix[1][2]   0.03003641 
_atom_sites.fract_transf_matrix[1][3]   0.01463094 
_atom_sites.fract_transf_matrix[2][1]   0.03450050 
_atom_sites.fract_transf_matrix[2][2]   0.00952125 
_atom_sites.fract_transf_matrix[2][3]   -0.01334150 
_atom_sites.fract_transf_matrix[3][1]   -0.00358432 
_atom_sites.fract_transf_matrix[3][2]   0.00498955 
_atom_sites.fract_transf_matrix[3][3]   -0.00570807 
_atom_sites.fract_transf_vector[1]      0.293559 
_atom_sites.fract_transf_vector[2]      -0.159419 
_atom_sites.fract_transf_vector[3]      0.084046 
# 
loop_
_atom_type.symbol 
C  
CA 
N  
O  
P  
# 
loop_
_atom_site.group_PDB 
_atom_site.id 
_atom_site.type_symbol 
_atom_site.label_atom_id 
_atom_site.label_alt_id 
_atom_site.label_comp_id 
_atom_site.label_asym_id 
_atom_site.label_entity_id 
_atom_site.label_seq_id 
_atom_site.pdbx_PDB_ins_code 
_atom_site.Cartn_x 
_atom_site.Cartn_y 
_atom_site.Cartn_z 
_atom_site.occupancy 
_atom_site.B_iso_or_equiv 
_atom_site.pdbx_formal_charge 
_atom_site.auth_seq_id 
_atom_site.auth_comp_id 
_atom_site.auth_asym_id 
_atom_site.auth_atom_id 
_atom_site.pdbx_PDB_model_num 
ATOM   1   O  "O3'" . DC  A 1 1 ? -7.382  -3.586  6.204   1.00 67.83  ? 101 DC  A "O3'" 1 
ATOM   2   P  P     . DG  A 1 2 ? -5.914  -3.023  6.547   1.00 59.58  ? 102 DG  A P     1 
ATOM   3   O  OP1   . DG  A 1 2 ? -4.995  -3.423  5.453   1.00 74.59  ? 102 DG  A OP1   1 
ATOM   4   O  OP2   . DG  A 1 2 ? -5.603  -3.404  7.942   1.00 42.75  ? 102 DG  A OP2   1 
ATOM   5   O  "O5'" . DG  A 1 2 ? -6.113  -1.445  6.463   1.00 73.22  ? 102 DG  A "O5'" 1 
ATOM   6   C  "C5'" . DG  A 1 2 ? -5.739  -0.749  5.269   1.00 72.65  ? 102 DG  A "C5'" 1 
ATOM   7   C  "C4'" . DG  A 1 2 ? -6.900  -0.590  4.330   1.00 63.68  ? 102 DG  A "C4'" 1 
ATOM   8   O  "O4'" . DG  A 1 2 ? -6.399  -0.283  3.002   1.00 63.70  ? 102 DG  A "O4'" 1 
ATOM   9   C  "C3'" . DG  A 1 2 ? -7.776  -1.808  4.078   1.00 66.10  ? 102 DG  A "C3'" 1 
ATOM   10  O  "O3'" . DG  A 1 2 ? -9.082  -1.399  3.678   1.00 70.85  ? 102 DG  A "O3'" 1 
ATOM   11  C  "C2'" . DG  A 1 2 ? -7.041  -2.559  3.002   1.00 64.86  ? 102 DG  A "C2'" 1 
ATOM   12  C  "C1'" . DG  A 1 2 ? -6.246  -1.498  2.270   1.00 61.99  ? 102 DG  A "C1'" 1 
ATOM   13  N  N9    . DG  A 1 2 ? -4.791  -1.737  2.185   1.00 50.35  ? 102 DG  A N9    1 
ATOM   14  C  C8    . DG  A 1 2 ? -3.975  -2.428  3.043   1.00 43.20  ? 102 DG  A C8    1 
ATOM   15  N  N7    . DG  A 1 2 ? -2.725  -2.446  2.668   1.00 44.48  ? 102 DG  A N7    1 
ATOM   16  C  C5    . DG  A 1 2 ? -2.717  -1.718  1.481   1.00 47.36  ? 102 DG  A C5    1 
ATOM   17  C  C6    . DG  A 1 2 ? -1.649  -1.392  0.602   1.00 38.70  ? 102 DG  A C6    1 
ATOM   18  O  O6    . DG  A 1 2 ? -0.450  -1.673  0.670   1.00 61.27  ? 102 DG  A O6    1 
ATOM   19  N  N1    . DG  A 1 2 ? -2.090  -0.645  -0.470  1.00 36.37  ? 102 DG  A N1    1 
ATOM   20  C  C2    . DG  A 1 2 ? -3.379  -0.245  -0.701  1.00 49.80  ? 102 DG  A C2    1 
ATOM   21  N  N2    . DG  A 1 2 ? -3.554  0.479   -1.823  1.00 48.18  ? 102 DG  A N2    1 
ATOM   22  N  N3    . DG  A 1 2 ? -4.383  -0.542  0.107   1.00 51.31  ? 102 DG  A N3    1 
ATOM   23  C  C4    . DG  A 1 2 ? -3.981  -1.274  1.169   1.00 48.26  ? 102 DG  A C4    1 
ATOM   24  P  P     . DT  A 1 3 ? -9.971  -2.223  2.637   1.00 77.62  ? 103 DT  A P     1 
ATOM   25  O  OP1   . DT  A 1 3 ? -11.315 -1.592  2.557   1.00 68.67  ? 103 DT  A OP1   1 
ATOM   26  O  OP2   . DT  A 1 3 ? -9.847  -3.664  2.974   1.00 81.54  ? 103 DT  A OP2   1 
ATOM   27  O  "O5'" . DT  A 1 3 ? -9.266  -1.968  1.219   1.00 81.14  ? 103 DT  A "O5'" 1 
ATOM   28  C  "C5'" . DT  A 1 3 ? -9.946  -1.172  0.244   1.00 66.55  ? 103 DT  A "C5'" 1 
ATOM   29  C  "C4'" . DT  A 1 3 ? -9.206  -1.135  -1.070  1.00 59.99  ? 103 DT  A "C4'" 1 
ATOM   30  O  "O4'" . DT  A 1 3 ? -7.786  -1.348  -0.859  1.00 50.37  ? 103 DT  A "O4'" 1 
ATOM   31  C  "C3'" . DT  A 1 3 ? -9.638  -2.200  -2.069  1.00 58.42  ? 103 DT  A "C3'" 1 
ATOM   32  O  "O3'" . DT  A 1 3 ? -10.090 -1.611  -3.291  1.00 66.30  ? 103 DT  A "O3'" 1 
ATOM   33  C  "C2'" . DT  A 1 3 ? -8.422  -3.050  -2.321  1.00 51.72  ? 103 DT  A "C2'" 1 
ATOM   34  C  "C1'" . DT  A 1 3 ? -7.289  -2.100  -1.956  1.00 42.85  ? 103 DT  A "C1'" 1 
ATOM   35  N  N1    . DT  A 1 3 ? -6.062  -2.798  -1.576  1.00 30.84  ? 103 DT  A N1    1 
ATOM   36  C  C2    . DT  A 1 3 ? -4.951  -2.616  -2.372  1.00 40.43  ? 103 DT  A C2    1 
ATOM   37  O  O2    . DT  A 1 3 ? -4.993  -1.896  -3.356  1.00 41.17  ? 103 DT  A O2    1 
ATOM   38  N  N3    . DT  A 1 3 ? -3.830  -3.294  -1.970  1.00 39.21  ? 103 DT  A N3    1 
ATOM   39  C  C4    . DT  A 1 3 ? -3.721  -4.122  -0.867  1.00 40.97  ? 103 DT  A C4    1 
ATOM   40  O  O4    . DT  A 1 3 ? -2.645  -4.667  -0.628  1.00 45.58  ? 103 DT  A O4    1 
ATOM   41  C  C5    . DT  A 1 3 ? -4.926  -4.267  -0.081  1.00 39.75  ? 103 DT  A C5    1 
ATOM   42  C  C7    . DT  A 1 3 ? -4.944  -5.131  1.135   1.00 29.11  ? 103 DT  A C7    1 
ATOM   43  C  C6    . DT  A 1 3 ? -6.020  -3.606  -0.471  1.00 36.14  ? 103 DT  A C6    1 
ATOM   44  P  P     . DA  A 1 4 ? -10.625 -2.566  -4.477  1.00 61.99  ? 104 DA  A P     1 
ATOM   45  O  OP1   . DA  A 1 4 ? -11.862 -1.946  -5.020  1.00 59.96  ? 104 DA  A OP1   1 
ATOM   46  O  OP2   . DA  A 1 4 ? -10.666 -3.955  -3.955  1.00 68.22  ? 104 DA  A OP2   1 
ATOM   47  O  "O5'" . DA  A 1 4 ? -9.486  -2.485  -5.578  1.00 55.24  ? 104 DA  A "O5'" 1 
ATOM   48  C  "C5'" . DA  A 1 4 ? -8.752  -1.293  -5.880  1.00 38.14  ? 104 DA  A "C5'" 1 
ATOM   49  C  "C4'" . DA  A 1 4 ? -7.702  -1.607  -6.921  1.00 43.58  ? 104 DA  A "C4'" 1 
ATOM   50  O  "O4'" . DA  A 1 4 ? -6.562  -2.187  -6.253  1.00 43.27  ? 104 DA  A "O4'" 1 
ATOM   51  C  "C3'" . DA  A 1 4 ? -8.126  -2.602  -7.994  1.00 54.89  ? 104 DA  A "C3'" 1 
ATOM   52  O  "O3'" . DA  A 1 4 ? -7.723  -2.149  -9.287  1.00 64.67  ? 104 DA  A "O3'" 1 
ATOM   53  C  "C2'" . DA  A 1 4 ? -7.451  -3.888  -7.589  1.00 51.51  ? 104 DA  A "C2'" 1 
ATOM   54  C  "C1'" . DA  A 1 4 ? -6.181  -3.391  -6.914  1.00 46.10  ? 104 DA  A "C1'" 1 
ATOM   55  N  N9    . DA  A 1 4 ? -5.596  -4.256  -5.883  1.00 36.14  ? 104 DA  A N9    1 
ATOM   56  C  C8    . DA  A 1 4 ? -6.187  -4.953  -4.869  1.00 41.17  ? 104 DA  A C8    1 
ATOM   57  N  N7    . DA  A 1 4 ? -5.348  -5.639  -4.116  1.00 36.91  ? 104 DA  A N7    1 
ATOM   58  C  C5    . DA  A 1 4 ? -4.103  -5.368  -4.680  1.00 34.55  ? 104 DA  A C5    1 
ATOM   59  C  C6    . DA  A 1 4 ? -2.801  -5.785  -4.360  1.00 32.27  ? 104 DA  A C6    1 
ATOM   60  N  N6    . DA  A 1 4 ? -2.461  -6.599  -3.353  1.00 27.31  ? 104 DA  A N6    1 
ATOM   61  N  N1    . DA  A 1 4 ? -1.790  -5.323  -5.135  1.00 41.34  ? 104 DA  A N1    1 
ATOM   62  C  C2    . DA  A 1 4 ? -2.082  -4.509  -6.153  1.00 33.86  ? 104 DA  A C2    1 
ATOM   63  N  N3    . DA  A 1 4 ? -3.265  -4.048  -6.555  1.00 40.86  ? 104 DA  A N3    1 
ATOM   64  C  C4    . DA  A 1 4 ? -4.244  -4.523  -5.764  1.00 36.14  ? 104 DA  A C4    1 
ATOM   65  P  P     . DC  A 1 5 ? -8.272  -2.813  -10.639 1.00 66.57  ? 105 DC  A P     1 
ATOM   66  O  OP1   . DC  A 1 5 ? -8.149  -1.814  -11.731 1.00 39.25  ? 105 DC  A OP1   1 
ATOM   67  O  OP2   . DC  A 1 5 ? -9.583  -3.448  -10.338 1.00 78.41  ? 105 DC  A OP2   1 
ATOM   68  O  "O5'" . DC  A 1 5 ? -7.240  -3.997  -10.941 1.00 65.00  ? 105 DC  A "O5'" 1 
ATOM   69  C  "C5'" . DC  A 1 5 ? -5.859  -3.703  -11.164 1.00 59.05  ? 105 DC  A "C5'" 1 
ATOM   70  C  "C4'" . DC  A 1 5 ? -4.996  -4.890  -10.850 1.00 53.90  ? 105 DC  A "C4'" 1 
ATOM   71  O  "O4'" . DC  A 1 5 ? -5.102  -5.293  -9.447  1.00 50.08  ? 105 DC  A "O4'" 1 
ATOM   72  C  "C3'" . DC  A 1 5 ? -5.355  -6.157  -11.617 1.00 50.38  ? 105 DC  A "C3'" 1 
ATOM   73  O  "O3'" . DC  A 1 5 ? -4.415  -6.378  -12.670 1.00 57.07  ? 105 DC  A "O3'" 1 
ATOM   74  C  "C2'" . DC  A 1 5 ? -5.330  -7.273  -10.601 1.00 38.78  ? 105 DC  A "C2'" 1 
ATOM   75  C  "C1'" . DC  A 1 5 ? -4.552  -6.619  -9.465  1.00 40.54  ? 105 DC  A "C1'" 1 
ATOM   76  N  N1    . DC  A 1 5 ? -4.685  -7.246  -8.150  1.00 43.41  ? 105 DC  A N1    1 
ATOM   77  C  C2    . DC  A 1 5 ? -3.484  -7.679  -7.565  1.00 36.86  ? 105 DC  A C2    1 
ATOM   78  O  O2    . DC  A 1 5 ? -2.445  -7.485  -8.216  1.00 50.67  ? 105 DC  A O2    1 
ATOM   79  N  N3    . DC  A 1 5 ? -3.492  -8.268  -6.359  1.00 45.33  ? 105 DC  A N3    1 
ATOM   80  C  C4    . DC  A 1 5 ? -4.651  -8.443  -5.715  1.00 43.32  ? 105 DC  A C4    1 
ATOM   81  N  N4    . DC  A 1 5 ? -4.563  -9.038  -4.524  1.00 49.26  ? 105 DC  A N4    1 
ATOM   82  C  C5    . DC  A 1 5 ? -5.884  -8.021  -6.276  1.00 37.76  ? 105 DC  A C5    1 
ATOM   83  C  C6    . DC  A 1 5 ? -5.858  -7.433  -7.484  1.00 47.44  ? 105 DC  A C6    1 
ATOM   84  P  P     . DG  A 1 6 ? -4.901  -7.246  -13.939 1.00 61.34  ? 106 DG  A P     1 
ATOM   85  O  OP1   . DG  A 1 6 ? -4.200  -6.713  -15.132 1.00 73.71  ? 106 DG  A OP1   1 
ATOM   86  O  OP2   . DG  A 1 6 ? -6.381  -7.309  -13.891 1.00 54.65  ? 106 DG  A OP2   1 
ATOM   87  O  "O5'" . DG  A 1 6 ? -4.344  -8.710  -13.637 1.00 59.00  ? 106 DG  A "O5'" 1 
ATOM   88  C  "C5'" . DG  A 1 6 ? -2.942  -8.991  -13.694 1.00 63.09  ? 106 DG  A "C5'" 1 
ATOM   89  C  "C4'" . DG  A 1 6 ? -2.714  -10.467 -13.895 1.00 63.74  ? 106 DG  A "C4'" 1 
ATOM   90  O  "O4'" . DG  A 1 6 ? -2.996  -11.190 -12.675 1.00 65.70  ? 106 DG  A "O4'" 1 
ATOM   91  C  "C3'" . DG  A 1 6 ? -3.607  -11.125 -14.936 1.00 55.22  ? 106 DG  A "C3'" 1 
ATOM   92  O  "O3'" . DG  A 1 6 ? -3.061  -10.986 -16.245 1.00 42.89  ? 106 DG  A "O3'" 1 
ATOM   93  C  "C2'" . DG  A 1 6 ? -3.652  -12.559 -14.501 1.00 55.11  ? 106 DG  A "C2'" 1 
ATOM   94  C  "C1'" . DG  A 1 6 ? -3.518  -12.469 -12.990 1.00 63.23  ? 106 DG  A "C1'" 1 
ATOM   95  N  N9    . DG  A 1 6 ? -4.824  -12.639 -12.341 1.00 58.69  ? 106 DG  A N9    1 
ATOM   96  C  C8    . DG  A 1 6 ? -6.042  -12.231 -12.840 1.00 56.60  ? 106 DG  A C8    1 
ATOM   97  N  N7    . DG  A 1 6 ? -7.031  -12.518 -12.041 1.00 57.97  ? 106 DG  A N7    1 
ATOM   98  C  C5    . DG  A 1 6 ? -6.426  -13.151 -10.960 1.00 49.72  ? 106 DG  A C5    1 
ATOM   99  C  C6    . DG  A 1 6 ? -6.993  -13.689 -9.777  1.00 46.45  ? 106 DG  A C6    1 
ATOM   100 O  O6    . DG  A 1 6 ? -8.180  -13.717 -9.435  1.00 55.05  ? 106 DG  A O6    1 
ATOM   101 N  N1    . DG  A 1 6 ? -6.015  -14.236 -8.955  1.00 51.97  ? 106 DG  A N1    1 
ATOM   102 C  C2    . DG  A 1 6 ? -4.665  -14.272 -9.216  1.00 43.54  ? 106 DG  A C2    1 
ATOM   103 N  N2    . DG  A 1 6 ? -3.898  -14.850 -8.279  1.00 32.06  ? 106 DG  A N2    1 
ATOM   104 N  N3    . DG  A 1 6 ? -4.130  -13.774 -10.311 1.00 44.51  ? 106 DG  A N3    1 
ATOM   105 C  C4    . DG  A 1 6 ? -5.062  -13.236 -11.128 1.00 46.51  ? 106 DG  A C4    1 
ATOM   106 O  "O5'" . DC  B 1 1 ? 7.956   -9.762  0.227   1.00 68.23  ? 207 DC  B "O5'" 1 
ATOM   107 C  "C5'" . DC  B 1 1 ? 8.880   -10.821 0.491   1.00 74.49  ? 207 DC  B "C5'" 1 
ATOM   108 C  "C4'" . DC  B 1 1 ? 8.193   -12.162 0.422   1.00 78.05  ? 207 DC  B "C4'" 1 
ATOM   109 O  "O4'" . DC  B 1 1 ? 9.048   -13.164 1.027   1.00 83.89  ? 207 DC  B "O4'" 1 
ATOM   110 C  "C3'" . DC  B 1 1 ? 6.876   -12.280 1.168   1.00 74.86  ? 207 DC  B "C3'" 1 
ATOM   111 O  "O3'" . DC  B 1 1 ? 6.003   -13.210 0.530   1.00 71.47  ? 207 DC  B "O3'" 1 
ATOM   112 C  "C2'" . DC  B 1 1 ? 7.276   -12.751 2.540   1.00 76.57  ? 207 DC  B "C2'" 1 
ATOM   113 C  "C1'" . DC  B 1 1 ? 8.493   -13.618 2.253   1.00 79.15  ? 207 DC  B "C1'" 1 
ATOM   114 N  N1    . DC  B 1 1 ? 9.533   -13.518 3.285   1.00 78.88  ? 207 DC  B N1    1 
ATOM   115 C  C2    . DC  B 1 1 ? 9.695   -14.595 4.162   1.00 87.74  ? 207 DC  B C2    1 
ATOM   116 O  O2    . DC  B 1 1 ? 8.963   -15.589 4.041   1.00 90.26  ? 207 DC  B O2    1 
ATOM   117 N  N3    . DC  B 1 1 ? 10.649  -14.524 5.120   1.00 87.76  ? 207 DC  B N3    1 
ATOM   118 C  C4    . DC  B 1 1 ? 11.419  -13.437 5.218   1.00 83.01  ? 207 DC  B C4    1 
ATOM   119 N  N4    . DC  B 1 1 ? 12.342  -13.424 6.184   1.00 96.51  ? 207 DC  B N4    1 
ATOM   120 C  C5    . DC  B 1 1 ? 11.272  -12.327 4.337   1.00 77.62  ? 207 DC  B C5    1 
ATOM   121 C  C6    . DC  B 1 1 ? 10.325  -12.409 3.393   1.00 76.08  ? 207 DC  B C6    1 
ATOM   122 P  P     . DG  B 1 2 ? 4.423   -12.949 0.457   1.00 69.35  ? 208 DG  B P     1 
ATOM   123 O  OP1   . DG  B 1 2 ? 4.115   -11.815 1.368   1.00 87.16  ? 208 DG  B OP1   1 
ATOM   124 O  OP2   . DG  B 1 2 ? 3.728   -14.249 0.632   1.00 67.43  ? 208 DG  B OP2   1 
ATOM   125 O  "O5'" . DG  B 1 2 ? 4.172   -12.461 -1.043  1.00 64.62  ? 208 DG  B "O5'" 1 
ATOM   126 C  "C5'" . DG  B 1 2 ? 5.122   -11.577 -1.650  1.00 68.63  ? 208 DG  B "C5'" 1 
ATOM   127 C  "C4'" . DG  B 1 2 ? 5.053   -11.664 -3.152  1.00 68.45  ? 208 DG  B "C4'" 1 
ATOM   128 O  "O4'" . DG  B 1 2 ? 3.916   -12.439 -3.576  1.00 62.71  ? 208 DG  B "O4'" 1 
ATOM   129 C  "C3'" . DG  B 1 2 ? 4.900   -10.299 -3.810  1.00 70.37  ? 208 DG  B "C3'" 1 
ATOM   130 O  "O3'" . DG  B 1 2 ? 6.181   -9.793  -4.202  1.00 78.71  ? 208 DG  B "O3'" 1 
ATOM   131 C  "C2'" . DG  B 1 2 ? 4.009   -10.532 -4.989  1.00 64.69  ? 208 DG  B "C2'" 1 
ATOM   132 C  "C1'" . DG  B 1 2 ? 3.205   -11.755 -4.599  1.00 54.60  ? 208 DG  B "C1'" 1 
ATOM   133 N  N9    . DG  B 1 2 ? 1.871   -11.415 -4.072  1.00 42.35  ? 208 DG  B N9    1 
ATOM   134 C  C8    . DG  B 1 2 ? 1.254   -11.889 -2.940  1.00 39.71  ? 208 DG  B C8    1 
ATOM   135 N  N7    . DG  B 1 2 ? 0.064   -11.381 -2.759  1.00 38.83  ? 208 DG  B N7    1 
ATOM   136 C  C5    . DG  B 1 2 ? -0.117  -10.521 -3.828  1.00 34.70  ? 208 DG  B C5    1 
ATOM   137 C  C6    . DG  B 1 2 ? -1.213  -9.689  -4.171  1.00 36.82  ? 208 DG  B C6    1 
ATOM   138 O  O6    . DG  B 1 2 ? -2.282  -9.542  -3.572  1.00 51.00  ? 208 DG  B O6    1 
ATOM   139 N  N1    . DG  B 1 2 ? -0.980  -8.978  -5.344  1.00 43.67  ? 208 DG  B N1    1 
ATOM   140 C  C2    . DG  B 1 2 ? 0.173   -9.065  -6.091  1.00 43.51  ? 208 DG  B C2    1 
ATOM   141 N  N2    . DG  B 1 2 ? 0.231   -8.314  -7.189  1.00 49.39  ? 208 DG  B N2    1 
ATOM   142 N  N3    . DG  B 1 2 ? 1.203   -9.834  -5.787  1.00 47.80  ? 208 DG  B N3    1 
ATOM   143 C  C4    . DG  B 1 2 ? 0.991   -10.532 -4.649  1.00 40.76  ? 208 DG  B C4    1 
ATOM   144 P  P     . DT  B 1 3 ? 7.007   -8.984  -3.077  1.00 90.44  ? 209 DT  B P     1 
ATOM   145 O  OP1   . DT  B 1 3 ? 8.248   -9.750  -2.801  1.00 109.72 ? 209 DT  B OP1   1 
ATOM   146 O  OP2   . DT  B 1 3 ? 6.069   -8.657  -1.978  1.00 80.48  ? 209 DT  B OP2   1 
ATOM   147 O  "O5'" . DT  B 1 3 ? 7.406   -7.639  -3.833  1.00 80.58  ? 209 DT  B "O5'" 1 
ATOM   148 C  "C5'" . DT  B 1 3 ? 7.716   -7.692  -5.232  1.00 76.27  ? 209 DT  B "C5'" 1 
ATOM   149 C  "C4'" . DT  B 1 3 ? 6.593   -7.077  -6.029  1.00 71.72  ? 209 DT  B "C4'" 1 
ATOM   150 O  "O4'" . DT  B 1 3 ? 5.308   -7.576  -5.576  1.00 73.56  ? 209 DT  B "O4'" 1 
ATOM   151 C  "C3'" . DT  B 1 3 ? 6.517   -5.563  -5.907  1.00 66.05  ? 209 DT  B "C3'" 1 
ATOM   152 O  "O3'" . DT  B 1 3 ? 6.373   -4.960  -7.190  1.00 70.16  ? 209 DT  B "O3'" 1 
ATOM   153 C  "C2'" . DT  B 1 3 ? 5.310   -5.320  -5.040  1.00 68.16  ? 209 DT  B "C2'" 1 
ATOM   154 C  "C1'" . DT  B 1 3 ? 4.414   -6.468  -5.498  1.00 69.06  ? 209 DT  B "C1'" 1 
ATOM   155 N  N1    . DT  B 1 3 ? 3.315   -6.773  -4.589  1.00 61.63  ? 209 DT  B N1    1 
ATOM   156 C  C2    . DT  B 1 3 ? 2.020   -6.513  -4.983  1.00 63.26  ? 209 DT  B C2    1 
ATOM   157 O  O2    . DT  B 1 3 ? 1.737   -6.034  -6.067  1.00 67.29  ? 209 DT  B O2    1 
ATOM   158 N  N3    . DT  B 1 3 ? 1.058   -6.836  -4.054  1.00 61.56  ? 209 DT  B N3    1 
ATOM   159 C  C4    . DT  B 1 3 ? 1.269   -7.381  -2.796  1.00 61.15  ? 209 DT  B C4    1 
ATOM   160 O  O4    . DT  B 1 3 ? 0.307   -7.620  -2.068  1.00 75.59  ? 209 DT  B O4    1 
ATOM   161 C  C5    . DT  B 1 3 ? 2.648   -7.627  -2.450  1.00 58.60  ? 209 DT  B C5    1 
ATOM   162 C  C7    . DT  B 1 3 ? 3.005   -8.213  -1.121  1.00 58.03  ? 209 DT  B C7    1 
ATOM   163 C  C6    . DT  B 1 3 ? 3.584   -7.314  -3.352  1.00 60.52  ? 209 DT  B C6    1 
ATOM   164 P  P     . DA  B 1 4 ? 6.961   -3.485  -7.448  1.00 73.92  ? 210 DA  B P     1 
ATOM   165 O  OP1   . DA  B 1 4 ? 7.595   -3.492  -8.792  1.00 65.38  ? 210 DA  B OP1   1 
ATOM   166 O  OP2   . DA  B 1 4 ? 7.744   -3.103  -6.250  1.00 79.68  ? 210 DA  B OP2   1 
ATOM   167 O  "O5'" . DA  B 1 4 ? 5.659   -2.563  -7.520  1.00 61.70  ? 210 DA  B "O5'" 1 
ATOM   168 C  "C5'" . DA  B 1 4 ? 4.849   -2.566  -8.699  1.00 57.80  ? 210 DA  B "C5'" 1 
ATOM   169 C  "C4'" . DA  B 1 4 ? 3.518   -1.900  -8.436  1.00 61.71  ? 210 DA  B "C4'" 1 
ATOM   170 O  "O4'" . DA  B 1 4 ? 2.781   -2.641  -7.441  1.00 59.46  ? 210 DA  B "O4'" 1 
ATOM   171 C  "C3'" . DA  B 1 4 ? 3.624   -0.477  -7.899  1.00 61.29  ? 210 DA  B "C3'" 1 
ATOM   172 O  "O3'" . DA  B 1 4 ? 3.282   0.450   -8.935  1.00 67.14  ? 210 DA  B "O3'" 1 
ATOM   173 C  "C2'" . DA  B 1 4 ? 2.679   -0.412  -6.733  1.00 60.64  ? 210 DA  B "C2'" 1 
ATOM   174 C  "C1'" . DA  B 1 4 ? 1.976   -1.742  -6.668  1.00 49.90  ? 210 DA  B "C1'" 1 
ATOM   175 N  N9    . DA  B 1 4 ? 1.871   -2.400  -5.359  1.00 38.78  ? 210 DA  B N9    1 
ATOM   176 C  C8    . DA  B 1 4 ? 2.884   -3.105  -4.760  1.00 43.70  ? 210 DA  B C8    1 
ATOM   177 N  N7    . DA  B 1 4 ? 2.569   -3.608  -3.594  1.00 45.40  ? 210 DA  B N7    1 
ATOM   178 C  C5    . DA  B 1 4 ? 1.250   -3.202  -3.418  1.00 35.47  ? 210 DA  B C5    1 
ATOM   179 C  C6    . DA  B 1 4 ? 0.357   -3.429  -2.354  1.00 31.60  ? 210 DA  B C6    1 
ATOM   180 N  N6    . DA  B 1 4 ? 0.658   -4.130  -1.255  1.00 43.10  ? 210 DA  B N6    1 
ATOM   181 N  N1    . DA  B 1 4 ? -0.871  -2.905  -2.468  1.00 29.36  ? 210 DA  B N1    1 
ATOM   182 C  C2    . DA  B 1 4 ? -1.171  -2.205  -3.566  1.00 33.98  ? 210 DA  B C2    1 
ATOM   183 N  N3    . DA  B 1 4 ? -0.415  -1.927  -4.625  1.00 44.94  ? 210 DA  B N3    1 
ATOM   184 C  C4    . DA  B 1 4 ? 0.814   -2.461  -4.495  1.00 35.83  ? 210 DA  B C4    1 
ATOM   185 P  P     . DC  B 1 5 ? 3.923   1.923   -8.976  1.00 68.22  ? 211 DC  B P     1 
ATOM   186 O  OP1   . DC  B 1 5 ? 3.747   2.467   -10.340 1.00 73.41  ? 211 DC  B OP1   1 
ATOM   187 O  OP2   . DC  B 1 5 ? 5.276   1.861   -8.366  1.00 47.42  ? 211 DC  B OP2   1 
ATOM   188 O  "O5'" . DC  B 1 5 ? 2.966   2.740   -7.987  1.00 67.39  ? 211 DC  B "O5'" 1 
ATOM   189 C  "C5'" . DC  B 1 5 ? 1.557   2.796   -8.232  1.00 59.01  ? 211 DC  B "C5'" 1 
ATOM   190 C  "C4'" . DC  B 1 5 ? 0.782   2.943   -6.952  1.00 51.34  ? 211 DC  B "C4'" 1 
ATOM   191 O  "O4'" . DC  B 1 5 ? 1.061   1.809   -6.070  1.00 40.10  ? 211 DC  B "O4'" 1 
ATOM   192 C  "C3'" . DC  B 1 5 ? 1.097   4.187   -6.125  1.00 43.30  ? 211 DC  B "C3'" 1 
ATOM   193 O  "O3'" . DC  B 1 5 ? 0.016   5.122   -6.184  1.00 63.96  ? 211 DC  B "O3'" 1 
ATOM   194 C  "C2'" . DC  B 1 5 ? 1.324   3.680   -4.726  1.00 39.07  ? 211 DC  B "C2'" 1 
ATOM   195 C  "C1'" . DC  B 1 5 ? 0.691   2.293   -4.776  1.00 41.52  ? 211 DC  B "C1'" 1 
ATOM   196 N  N1    . DC  B 1 5 ? 1.148   1.349   -3.756  1.00 41.62  ? 211 DC  B N1    1 
ATOM   197 C  C2    . DC  B 1 5 ? 0.196   0.957   -2.799  1.00 37.82  ? 211 DC  B C2    1 
ATOM   198 O  O2    . DC  B 1 5 ? -0.942  1.442   -2.901  1.00 49.78  ? 211 DC  B O2    1 
ATOM   199 N  N3    . DC  B 1 5 ? 0.548   0.093   -1.834  1.00 34.02  ? 211 DC  B N3    1 
ATOM   200 C  C4    . DC  B 1 5 ? 1.788   -0.394  -1.774  1.00 35.57  ? 211 DC  B C4    1 
ATOM   201 N  N4    . DC  B 1 5 ? 2.081   -1.257  -0.785  1.00 29.04  ? 211 DC  B N4    1 
ATOM   202 C  C5    . DC  B 1 5 ? 2.767   -0.009  -2.734  1.00 37.03  ? 211 DC  B C5    1 
ATOM   203 C  C6    . DC  B 1 5 ? 2.414   0.853   -3.697  1.00 38.25  ? 211 DC  B C6    1 
ATOM   204 P  P     . DG  B 1 6 ? 0.159   6.599   -5.518  1.00 44.19  ? 212 DG  B P     1 
ATOM   205 O  OP1   . DG  B 1 6 ? -1.183  7.224   -5.579  1.00 41.91  ? 212 DG  B OP1   1 
ATOM   206 O  OP2   . DG  B 1 6 ? 1.310   7.255   -6.186  1.00 35.22  ? 212 DG  B OP2   1 
ATOM   207 O  "O5'" . DG  B 1 6 ? 0.521   6.261   -4.021  1.00 31.10  ? 212 DG  B "O5'" 1 
ATOM   208 C  "C5'" . DG  B 1 6 ? -0.475  6.064   -3.009  1.00 42.00  ? 212 DG  B "C5'" 1 
ATOM   209 C  "C4'" . DG  B 1 6 ? -0.083  6.810   -1.755  1.00 34.51  ? 212 DG  B "C4'" 1 
ATOM   210 O  "O4'" . DG  B 1 6 ? 1.223   6.360   -1.341  1.00 50.11  ? 212 DG  B "O4'" 1 
ATOM   211 C  "C3'" . DG  B 1 6 ? 0.009   8.315   -1.925  1.00 43.25  ? 212 DG  B "C3'" 1 
ATOM   212 O  "O3'" . DG  B 1 6 ? -1.158  8.978   -1.436  1.00 50.04  ? 212 DG  B "O3'" 1 
ATOM   213 C  "C2'" . DG  B 1 6 ? 1.233   8.699   -1.132  1.00 42.25  ? 212 DG  B "C2'" 1 
ATOM   214 C  "C1'" . DG  B 1 6 ? 2.111   7.467   -1.301  1.00 49.50  ? 212 DG  B "C1'" 1 
ATOM   215 N  N9    . DG  B 1 6 ? 2.915   7.519   -2.529  1.00 47.79  ? 212 DG  B N9    1 
ATOM   216 C  C8    . DG  B 1 6 ? 3.066   8.596   -3.373  1.00 52.61  ? 212 DG  B C8    1 
ATOM   217 N  N7    . DG  B 1 6 ? 3.842   8.344   -4.386  1.00 52.61  ? 212 DG  B N7    1 
ATOM   218 C  C5    . DG  B 1 6 ? 4.232   7.024   -4.205  1.00 41.27  ? 212 DG  B C5    1 
ATOM   219 C  C6    . DG  B 1 6 ? 5.079   6.207   -4.996  1.00 44.24  ? 212 DG  B C6    1 
ATOM   220 O  O6    . DG  B 1 6 ? 5.671   6.496   -6.044  1.00 54.58  ? 212 DG  B O6    1 
ATOM   221 N  N1    . DG  B 1 6 ? 5.207   4.934   -4.453  1.00 51.49  ? 212 DG  B N1    1 
ATOM   222 C  C2    . DG  B 1 6 ? 4.597   4.508   -3.300  1.00 53.95  ? 212 DG  B C2    1 
ATOM   223 N  N2    . DG  B 1 6 ? 4.843   3.240   -2.934  1.00 65.48  ? 212 DG  B N2    1 
ATOM   224 N  N3    . DG  B 1 6 ? 3.805   5.264   -2.555  1.00 51.90  ? 212 DG  B N3    1 
ATOM   225 C  C4    . DG  B 1 6 ? 3.668   6.504   -3.065  1.00 44.43  ? 212 DG  B C4    1 
ATOM   226 O  "O3'" . DC  C 1 1 ? 8.438   -0.410  1.502   1.00 116.20 ? 301 DC  C "O3'" 1 
ATOM   227 P  P     . DG  C 1 2 ? 8.342   -1.708  0.566   1.00 107.39 ? 302 DG  C P     1 
ATOM   228 O  OP1   . DG  C 1 2 ? 6.919   -1.909  0.190   1.00 110.50 ? 302 DG  C OP1   1 
ATOM   229 O  OP2   . DG  C 1 2 ? 9.095   -2.809  1.223   1.00 103.67 ? 302 DG  C OP2   1 
ATOM   230 O  "O5'" . DG  C 1 2 ? 9.134   -1.296  -0.758  1.00 96.94  ? 302 DG  C "O5'" 1 
ATOM   231 C  "C5'" . DG  C 1 2 ? 8.398   -0.860  -1.909  1.00 92.43  ? 302 DG  C "C5'" 1 
ATOM   232 C  "C4'" . DG  C 1 2 ? 8.108   0.621   -1.780  1.00 84.47  ? 302 DG  C "C4'" 1 
ATOM   233 O  "O4'" . DG  C 1 2 ? 6.713   0.821   -1.490  1.00 78.88  ? 302 DG  C "O4'" 1 
ATOM   234 C  "C3'" . DG  C 1 2 ? 8.906   1.295   -0.665  1.00 77.90  ? 302 DG  C "C3'" 1 
ATOM   235 O  "O3'" . DG  C 1 2 ? 9.855   2.193   -1.245  1.00 71.35  ? 302 DG  C "O3'" 1 
ATOM   236 C  "C2'" . DG  C 1 2 ? 7.900   2.003   0.191   1.00 75.58  ? 302 DG  C "C2'" 1 
ATOM   237 C  "C1'" . DG  C 1 2 ? 6.548   1.754   -0.438  1.00 68.39  ? 302 DG  C "C1'" 1 
ATOM   238 N  N9    . DG  C 1 2 ? 5.571   1.177   0.508   1.00 50.97  ? 302 DG  C N9    1 
ATOM   239 C  C8    . DG  C 1 2 ? 5.719   0.246   1.503   1.00 39.64  ? 302 DG  C C8    1 
ATOM   240 N  N7    . DG  C 1 2 ? 4.607   -0.018  2.141   1.00 30.93  ? 302 DG  C N7    1 
ATOM   241 C  C5    . DG  C 1 2 ? 3.656   0.790   1.527   1.00 34.96  ? 302 DG  C C5    1 
ATOM   242 C  C6    . DG  C 1 2 ? 2.264   0.957   1.768   1.00 36.86  ? 302 DG  C C6    1 
ATOM   243 O  O6    . DG  C 1 2 ? 1.525   0.415   2.601   1.00 48.46  ? 302 DG  C O6    1 
ATOM   244 N  N1    . DG  C 1 2 ? 1.714   1.885   0.898   1.00 34.28  ? 302 DG  C N1    1 
ATOM   245 C  C2    . DG  C 1 2 ? 2.397   2.565   -0.074  1.00 36.42  ? 302 DG  C C2    1 
ATOM   246 N  N2    . DG  C 1 2 ? 1.700   3.425   -0.823  1.00 34.67  ? 302 DG  C N2    1 
ATOM   247 N  N3    . DG  C 1 2 ? 3.693   2.429   -0.319  1.00 42.84  ? 302 DG  C N3    1 
ATOM   248 C  C4    . DG  C 1 2 ? 4.237   1.529   0.523   1.00 43.24  ? 302 DG  C C4    1 
ATOM   249 P  P     . DT  C 1 3 ? 10.593  3.362   -0.450  1.00 67.31  ? 303 DT  C P     1 
ATOM   250 O  OP1   . DT  C 1 3 ? 12.026  3.357   -0.846  1.00 54.27  ? 303 DT  C OP1   1 
ATOM   251 O  OP2   . DT  C 1 3 ? 10.261  3.266   0.994   1.00 60.50  ? 303 DT  C OP2   1 
ATOM   252 O  "O5'" . DT  C 1 3 ? 9.915   4.682   -1.033  1.00 61.29  ? 303 DT  C "O5'" 1 
ATOM   253 C  "C5'" . DT  C 1 3 ? 8.800   4.584   -1.924  1.00 57.70  ? 303 DT  C "C5'" 1 
ATOM   254 C  "C4'" . DT  C 1 3 ? 7.643   5.414   -1.442  1.00 61.15  ? 303 DT  C "C4'" 1 
ATOM   255 O  "O4'" . DT  C 1 3 ? 6.858   4.631   -0.490  1.00 61.54  ? 303 DT  C "O4'" 1 
ATOM   256 C  "C3'" . DT  C 1 3 ? 7.974   6.698   -0.687  1.00 59.46  ? 303 DT  C "C3'" 1 
ATOM   257 O  "O3'" . DT  C 1 3 ? 7.759   7.836   -1.521  1.00 60.13  ? 303 DT  C "O3'" 1 
ATOM   258 C  "C2'" . DT  C 1 3 ? 7.060   6.704   0.511   1.00 55.65  ? 303 DT  C "C2'" 1 
ATOM   259 C  "C1'" . DT  C 1 3 ? 6.055   5.605   0.179   1.00 50.14  ? 303 DT  C "C1'" 1 
ATOM   260 N  N1    . DT  C 1 3 ? 5.392   5.016   1.341   1.00 38.22  ? 303 DT  C N1    1 
ATOM   261 C  C2    . DT  C 1 3 ? 4.141   5.495   1.670   1.00 34.47  ? 303 DT  C C2    1 
ATOM   262 O  O2    . DT  C 1 3 ? 3.560   6.373   1.053   1.00 33.35  ? 303 DT  C O2    1 
ATOM   263 N  N3    . DT  C 1 3 ? 3.565   4.911   2.770   1.00 37.39  ? 303 DT  C N3    1 
ATOM   264 C  C4    . DT  C 1 3 ? 4.104   3.917   3.553   1.00 32.25  ? 303 DT  C C4    1 
ATOM   265 O  O4    . DT  C 1 3 ? 3.487   3.475   4.512   1.00 65.58  ? 303 DT  C O4    1 
ATOM   266 C  C5    . DT  C 1 3 ? 5.415   3.458   3.156   1.00 32.48  ? 303 DT  C C5    1 
ATOM   267 C  C7    . DT  C 1 3 ? 6.022   2.381   3.993   1.00 35.68  ? 303 DT  C C7    1 
ATOM   268 C  C6    . DT  C 1 3 ? 5.991   4.022   2.084   1.00 31.07  ? 303 DT  C C6    1 
ATOM   269 P  P     . DA  C 1 4 ? 8.015   9.338   -1.023  1.00 59.73  ? 304 DA  C P     1 
ATOM   270 O  OP1   . DA  C 1 4 ? 8.379   10.161  -2.210  1.00 33.02  ? 304 DA  C OP1   1 
ATOM   271 O  OP2   . DA  C 1 4 ? 8.913   9.286   0.154   1.00 53.62  ? 304 DA  C OP2   1 
ATOM   272 O  "O5'" . DA  C 1 4 ? 6.579   9.834   -0.530  1.00 52.28  ? 304 DA  C "O5'" 1 
ATOM   273 C  "C5'" . DA  C 1 4 ? 5.448   9.772   -1.406  1.00 52.94  ? 304 DA  C "C5'" 1 
ATOM   274 C  "C4'" . DA  C 1 4 ? 4.286   10.496  -0.770  1.00 62.26  ? 304 DA  C "C4'" 1 
ATOM   275 O  "O4'" . DA  C 1 4 ? 3.704   9.692   0.282   1.00 61.14  ? 304 DA  C "O4'" 1 
ATOM   276 C  "C3'" . DA  C 1 4 ? 4.672   11.809  -0.114  1.00 65.86  ? 304 DA  C "C3'" 1 
ATOM   277 O  "O3'" . DA  C 1 4 ? 3.656   12.792  -0.296  1.00 60.52  ? 304 DA  C "O3'" 1 
ATOM   278 C  "C2'" . DA  C 1 4 ? 4.856   11.448  1.340   1.00 66.23  ? 304 DA  C "C2'" 1 
ATOM   279 C  "C1'" . DA  C 1 4 ? 3.776   10.394  1.520   1.00 60.35  ? 304 DA  C "C1'" 1 
ATOM   280 N  N9    . DA  C 1 4 ? 4.059   9.414   2.566   1.00 48.57  ? 304 DA  C N9    1 
ATOM   281 C  C8    . DA  C 1 4 ? 5.286   8.949   2.955   1.00 50.98  ? 304 DA  C C8    1 
ATOM   282 N  N7    . DA  C 1 4 ? 5.233   8.069   3.922   1.00 54.94  ? 304 DA  C N7    1 
ATOM   283 C  C5    . DA  C 1 4 ? 3.876   7.951   4.186   1.00 44.44  ? 304 DA  C C5    1 
ATOM   284 C  C6    . DA  C 1 4 ? 3.164   7.170   5.110   1.00 31.03  ? 304 DA  C C6    1 
ATOM   285 N  N6    . DA  C 1 4 ? 3.746   6.338   5.963   1.00 33.86  ? 304 DA  C N6    1 
ATOM   286 N  N1    . DA  C 1 4 ? 1.819   7.277   5.125   1.00 45.18  ? 304 DA  C N1    1 
ATOM   287 C  C2    . DA  C 1 4 ? 1.242   8.122   4.256   1.00 45.52  ? 304 DA  C C2    1 
ATOM   288 N  N3    . DA  C 1 4 ? 1.803   8.909   3.338   1.00 49.71  ? 304 DA  C N3    1 
ATOM   289 C  C4    . DA  C 1 4 ? 3.140   8.774   3.356   1.00 48.95  ? 304 DA  C C4    1 
ATOM   290 P  P     . DC  C 1 5 ? 3.792   14.196  0.482   1.00 57.92  ? 305 DC  C P     1 
ATOM   291 O  OP1   . DC  C 1 5 ? 2.877   15.156  -0.181  1.00 43.11  ? 305 DC  C OP1   1 
ATOM   292 O  OP2   . DC  C 1 5 ? 5.239   14.472  0.653   1.00 56.84  ? 305 DC  C OP2   1 
ATOM   293 O  "O5'" . DC  C 1 5 ? 3.177   13.879  1.929   1.00 58.92  ? 305 DC  C "O5'" 1 
ATOM   294 C  "C5'" . DC  C 1 5 ? 1.748   13.916  2.059   1.00 57.53  ? 305 DC  C "C5'" 1 
ATOM   295 C  "C4'" . DC  C 1 5 ? 1.329   13.574  3.455   1.00 59.40  ? 305 DC  C "C4'" 1 
ATOM   296 O  "O4'" . DC  C 1 5 ? 2.017   12.371  3.898   1.00 48.27  ? 305 DC  C "O4'" 1 
ATOM   297 C  "C3'" . DC  C 1 5 ? 1.674   14.590  4.539   1.00 62.58  ? 305 DC  C "C3'" 1 
ATOM   298 O  "O3'" . DC  C 1 5 ? 0.623   15.546  4.683   1.00 60.19  ? 305 DC  C "O3'" 1 
ATOM   299 C  "C2'" . DC  C 1 5 ? 1.879   13.762  5.784   1.00 49.93  ? 305 DC  C "C2'" 1 
ATOM   300 C  "C1'" . DC  C 1 5 ? 1.785   12.328  5.305   1.00 50.44  ? 305 DC  C "C1'" 1 
ATOM   301 N  N1    . DC  C 1 5 ? 2.783   11.405  5.857   1.00 62.61  ? 305 DC  C N1    1 
ATOM   302 C  C2    . DC  C 1 5 ? 2.341   10.446  6.773   1.00 62.39  ? 305 DC  C C2    1 
ATOM   303 O  O2    . DC  C 1 5 ? 1.140   10.425  7.075   1.00 84.10  ? 305 DC  C O2    1 
ATOM   304 N  N3    . DC  C 1 5 ? 3.231   9.579   7.302   1.00 62.13  ? 305 DC  C N3    1 
ATOM   305 C  C4    . DC  C 1 5 ? 4.517   9.644   6.943   1.00 62.36  ? 305 DC  C C4    1 
ATOM   306 N  N4    . DC  C 1 5 ? 5.351   8.759   7.498   1.00 46.45  ? 305 DC  C N4    1 
ATOM   307 C  C5    . DC  C 1 5 ? 4.988   10.613  6.008   1.00 65.38  ? 305 DC  C C5    1 
ATOM   308 C  C6    . DC  C 1 5 ? 4.099   11.471  5.488   1.00 63.19  ? 305 DC  C C6    1 
ATOM   309 P  P     . DG  C 1 6 ? 0.910   16.961  5.399   1.00 54.16  ? 306 DG  C P     1 
ATOM   310 O  OP1   . DG  C 1 6 ? -0.328  17.773  5.257   1.00 58.88  ? 306 DG  C OP1   1 
ATOM   311 O  OP2   . DG  C 1 6 ? 2.213   17.470  4.907   1.00 51.77  ? 306 DG  C OP2   1 
ATOM   312 O  "O5'" . DG  C 1 6 ? 1.076   16.578  6.936   1.00 44.37  ? 306 DG  C "O5'" 1 
ATOM   313 C  "C5'" . DG  C 1 6 ? -0.119  16.443  7.721   1.00 51.40  ? 306 DG  C "C5'" 1 
ATOM   314 C  "C4'" . DG  C 1 6 ? 0.049   17.146  9.038   1.00 49.12  ? 306 DG  C "C4'" 1 
ATOM   315 O  "O4'" . DG  C 1 6 ? 1.055   16.444  9.812   1.00 47.88  ? 306 DG  C "O4'" 1 
ATOM   316 C  "C3'" . DG  C 1 6 ? 0.561   18.579  9.002   1.00 42.66  ? 306 DG  C "C3'" 1 
ATOM   317 O  "O3'" . DG  C 1 6 ? -0.469  19.502  8.680   1.00 52.78  ? 306 DG  C "O3'" 1 
ATOM   318 C  "C2'" . DG  C 1 6 ? 1.095   18.738  10.409  1.00 35.54  ? 306 DG  C "C2'" 1 
ATOM   319 C  "C1'" . DG  C 1 6 ? 1.756   17.379  10.622  1.00 46.20  ? 306 DG  C "C1'" 1 
ATOM   320 N  N9    . DG  C 1 6 ? 3.167   17.317  10.219  1.00 48.25  ? 306 DG  C N9    1 
ATOM   321 C  C8    . DG  C 1 6 ? 3.896   18.287  9.590   1.00 41.05  ? 306 DG  C C8    1 
ATOM   322 N  N7    . DG  C 1 6 ? 5.129   17.944  9.360   1.00 51.96  ? 306 DG  C N7    1 
ATOM   323 C  C5    . DG  C 1 6 ? 5.227   16.662  9.868   1.00 62.93  ? 306 DG  C C5    1 
ATOM   324 C  C6    . DG  C 1 6 ? 6.336   15.777  9.904   1.00 73.45  ? 306 DG  C C6    1 
ATOM   325 O  O6    . DG  C 1 6 ? 7.479   15.972  9.474   1.00 95.88  ? 306 DG  C O6    1 
ATOM   326 N  N1    . DG  C 1 6 ? 6.007   14.570  10.511  1.00 69.76  ? 306 DG  C N1    1 
ATOM   327 C  C2    . DG  C 1 6 ? 4.768   14.260  11.017  1.00 61.63  ? 306 DG  C C2    1 
ATOM   328 N  N2    . DG  C 1 6 ? 4.642   13.043  11.567  1.00 68.37  ? 306 DG  C N2    1 
ATOM   329 N  N3    . DG  C 1 6 ? 3.732   15.078  10.988  1.00 55.41  ? 306 DG  C N3    1 
ATOM   330 C  C4    . DG  C 1 6 ? 4.022   16.257  10.404  1.00 57.96  ? 306 DG  C C4    1 
ATOM   331 O  "O5'" . DC  D 1 1 ? -1.353  -0.116  14.312  1.00 56.14  ? 407 DC  D "O5'" 1 
ATOM   332 C  "C5'" . DC  D 1 1 ? -0.732  -1.199  15.021  1.00 47.18  ? 407 DC  D "C5'" 1 
ATOM   333 C  "C4'" . DC  D 1 1 ? 0.029   -0.626  16.197  1.00 51.24  ? 407 DC  D "C4'" 1 
ATOM   334 O  "O4'" . DC  D 1 1 ? 0.105   -1.595  17.267  1.00 50.07  ? 407 DC  D "O4'" 1 
ATOM   335 C  "C3'" . DC  D 1 1 ? 1.462   -0.235  15.870  1.00 51.70  ? 407 DC  D "C3'" 1 
ATOM   336 O  "O3'" . DC  D 1 1 ? 1.673   1.143   16.173  1.00 50.80  ? 407 DC  D "O3'" 1 
ATOM   337 C  "C2'" . DC  D 1 1 ? 2.324   -1.131  16.719  1.00 50.31  ? 407 DC  D "C2'" 1 
ATOM   338 C  "C1'" . DC  D 1 1 ? 1.390   -1.466  17.872  1.00 48.31  ? 407 DC  D "C1'" 1 
ATOM   339 N  N1    . DC  D 1 1 ? 1.694   -2.712  18.576  1.00 46.49  ? 407 DC  D N1    1 
ATOM   340 C  C2    . DC  D 1 1 ? 2.628   -2.674  19.618  1.00 54.06  ? 407 DC  D C2    1 
ATOM   341 O  O2    . DC  D 1 1 ? 3.168   -1.597  19.914  1.00 71.00  ? 407 DC  D O2    1 
ATOM   342 N  N3    . DC  D 1 1 ? 2.916   -3.819  20.274  1.00 49.02  ? 407 DC  D N3    1 
ATOM   343 C  C4    . DC  D 1 1 ? 2.310   -4.961  19.921  1.00 35.68  ? 407 DC  D C4    1 
ATOM   344 N  N4    . DC  D 1 1 ? 2.641   -6.049  20.611  1.00 44.89  ? 407 DC  D N4    1 
ATOM   345 C  C5    . DC  D 1 1 ? 1.361   -5.033  18.872  1.00 40.56  ? 407 DC  D C5    1 
ATOM   346 C  C6    . DC  D 1 1 ? 1.085   -3.886  18.229  1.00 51.43  ? 407 DC  D C6    1 
ATOM   347 P  P     . DG  D 1 2 ? 2.317   2.118   15.075  1.00 63.88  ? 408 DG  D P     1 
ATOM   348 O  OP1   . DG  D 1 2 ? 3.424   1.378   14.417  1.00 55.07  ? 408 DG  D OP1   1 
ATOM   349 O  OP2   . DG  D 1 2 ? 2.589   3.425   15.731  1.00 75.57  ? 408 DG  D OP2   1 
ATOM   350 O  "O5'" . DG  D 1 2 ? 1.133   2.336   14.036  1.00 57.80  ? 408 DG  D "O5'" 1 
ATOM   351 C  "C5'" . DG  D 1 2 ? -0.216  2.432   14.523  1.00 64.74  ? 408 DG  D "C5'" 1 
ATOM   352 C  "C4'" . DG  D 1 2 ? -0.795  3.786   14.192  1.00 64.98  ? 408 DG  D "C4'" 1 
ATOM   353 O  "O4'" . DG  D 1 2 ? 0.282   4.749   14.092  1.00 62.24  ? 408 DG  D "O4'" 1 
ATOM   354 C  "C3'" . DG  D 1 2 ? -1.540  3.873   12.871  1.00 61.70  ? 408 DG  D "C3'" 1 
ATOM   355 O  "O3'" . DG  D 1 2 ? -2.945  3.692   13.054  1.00 61.70  ? 408 DG  D "O3'" 1 
ATOM   356 C  "C2'" . DG  D 1 2 ? -1.255  5.251   12.344  1.00 56.47  ? 408 DG  D "C2'" 1 
ATOM   357 C  "C1'" . DG  D 1 2 ? 0.016   5.679   13.055  1.00 52.31  ? 408 DG  D "C1'" 1 
ATOM   358 N  N9    . DG  D 1 2 ? 1.179   5.695   12.150  1.00 38.24  ? 408 DG  D N9    1 
ATOM   359 C  C8    . DG  D 1 2 ? 2.326   4.942   12.205  1.00 34.24  ? 408 DG  D C8    1 
ATOM   360 N  N7    . DG  D 1 2 ? 3.161   5.208   11.243  1.00 32.89  ? 408 DG  D N7    1 
ATOM   361 C  C5    . DG  D 1 2 ? 2.529   6.202   10.502  1.00 29.06  ? 408 DG  D C5    1 
ATOM   362 C  C6    . DG  D 1 2 ? 2.934   6.898   9.343   1.00 32.08  ? 408 DG  D C6    1 
ATOM   363 O  O6    . DG  D 1 2 ? 3.985   6.767   8.704   1.00 63.80  ? 408 DG  D O6    1 
ATOM   364 N  N1    . DG  D 1 2 ? 1.982   7.826   8.927   1.00 27.91  ? 408 DG  D N1    1 
ATOM   365 C  C2    . DG  D 1 2 ? 0.785   8.054   9.556   1.00 26.96  ? 408 DG  D C2    1 
ATOM   366 N  N2    . DG  D 1 2 ? -0.014  8.986   9.018   1.00 33.59  ? 408 DG  D N2    1 
ATOM   367 N  N3    . DG  D 1 2 ? 0.392   7.414   10.640  1.00 32.57  ? 408 DG  D N3    1 
ATOM   368 C  C4    . DG  D 1 2 ? 1.304   6.515   11.051  1.00 31.72  ? 408 DG  D C4    1 
ATOM   369 P  P     . DT  D 1 3 ? -3.715  2.566   12.201  1.00 66.59  ? 409 DT  D P     1 
ATOM   370 O  OP1   . DT  D 1 3 ? -4.755  1.973   13.079  1.00 74.80  ? 409 DT  D OP1   1 
ATOM   371 O  OP2   . DT  D 1 3 ? -2.685  1.716   11.555  1.00 70.08  ? 409 DT  D OP2   1 
ATOM   372 O  "O5'" . DT  D 1 3 ? -4.461  3.407   11.067  1.00 52.26  ? 409 DT  D "O5'" 1 
ATOM   373 C  "C5'" . DT  D 1 3 ? -5.041  4.677   11.400  1.00 48.90  ? 409 DT  D "C5'" 1 
ATOM   374 C  "C4'" . DT  D 1 3 ? -5.184  5.506   10.147  1.00 52.73  ? 409 DT  D "C4'" 1 
ATOM   375 O  "O4'" . DT  D 1 3 ? -3.886  5.981   9.726   1.00 54.36  ? 409 DT  D "O4'" 1 
ATOM   376 C  "C3'" . DT  D 1 3 ? -5.778  4.748   8.962   1.00 51.01  ? 409 DT  D "C3'" 1 
ATOM   377 O  "O3'" . DT  D 1 3 ? -6.852  5.500   8.400   1.00 50.37  ? 409 DT  D "O3'" 1 
ATOM   378 C  "C2'" . DT  D 1 3 ? -4.631  4.565   8.006   1.00 50.87  ? 409 DT  D "C2'" 1 
ATOM   379 C  "C1'" . DT  D 1 3 ? -3.653  5.671   8.361   1.00 48.34  ? 409 DT  D "C1'" 1 
ATOM   380 N  N1    . DT  D 1 3 ? -2.239  5.294   8.233   1.00 42.67  ? 409 DT  D N1    1 
ATOM   381 C  C2    . DT  D 1 3 ? -1.466  5.942   7.295   1.00 32.31  ? 409 DT  D C2    1 
ATOM   382 O  O2    . DT  D 1 3 ? -1.894  6.812   6.566   1.00 36.13  ? 409 DT  D O2    1 
ATOM   383 N  N3    . DT  D 1 3 ? -0.158  5.534   7.233   1.00 32.91  ? 409 DT  D N3    1 
ATOM   384 C  C4    . DT  D 1 3 ? 0.447   4.563   8.000   1.00 40.99  ? 409 DT  D C4    1 
ATOM   385 O  O4    . DT  D 1 3 ? 1.631   4.279   7.860   1.00 54.60  ? 409 DT  D O4    1 
ATOM   386 C  C5    . DT  D 1 3 ? -0.421  3.920   8.965   1.00 38.78  ? 409 DT  D C5    1 
ATOM   387 C  C7    . DT  D 1 3 ? 0.178   2.860   9.826   1.00 31.30  ? 409 DT  D C7    1 
ATOM   388 C  C6    . DT  D 1 3 ? -1.696  4.312   9.033   1.00 39.01  ? 409 DT  D C6    1 
ATOM   389 P  P     . DA  D 1 4 ? -7.499  5.172   6.975   1.00 50.69  ? 410 DA  D P     1 
ATOM   390 O  OP1   . DA  D 1 4 ? -8.757  5.940   6.844   1.00 46.22  ? 410 DA  D OP1   1 
ATOM   391 O  OP2   . DA  D 1 4 ? -7.547  3.692   6.825   1.00 62.26  ? 410 DA  D OP2   1 
ATOM   392 O  "O5'" . DA  D 1 4 ? -6.451  5.738   5.917   1.00 53.04  ? 410 DA  D "O5'" 1 
ATOM   393 C  "C5'" . DA  D 1 4 ? -6.152  7.138   5.860   1.00 59.49  ? 410 DA  D "C5'" 1 
ATOM   394 C  "C4'" . DA  D 1 4 ? -5.666  7.494   4.470   1.00 61.18  ? 410 DA  D "C4'" 1 
ATOM   395 O  "O4'" . DA  D 1 4 ? -4.246  7.237   4.401   1.00 58.26  ? 410 DA  D "O4'" 1 
ATOM   396 C  "C3'" . DA  D 1 4 ? -6.319  6.701   3.353   1.00 60.64  ? 410 DA  D "C3'" 1 
ATOM   397 O  "O3'" . DA  D 1 4 ? -6.738  7.553   2.287   1.00 57.96  ? 410 DA  D "O3'" 1 
ATOM   398 C  "C2'" . DA  D 1 4 ? -5.256  5.740   2.890   1.00 60.60  ? 410 DA  D "C2'" 1 
ATOM   399 C  "C1'" . DA  D 1 4 ? -3.951  6.403   3.294   1.00 48.77  ? 410 DA  D "C1'" 1 
ATOM   400 N  N9    . DA  D 1 4 ? -2.921  5.439   3.701   1.00 35.61  ? 410 DA  D N9    1 
ATOM   401 C  C8    . DA  D 1 4 ? -3.013  4.416   4.609   1.00 42.09  ? 410 DA  D C8    1 
ATOM   402 N  N7    . DA  D 1 4 ? -1.903  3.728   4.751   1.00 49.27  ? 410 DA  D N7    1 
ATOM   403 C  C5    . DA  D 1 4 ? -1.024  4.349   3.868   1.00 35.72  ? 410 DA  D C5    1 
ATOM   404 C  C6    . DA  D 1 4 ? 0.314   4.104   3.539   1.00 28.11  ? 410 DA  D C6    1 
ATOM   405 N  N6    . DA  D 1 4 ? 1.057   3.133   4.069   1.00 30.89  ? 410 DA  D N6    1 
ATOM   406 N  N1    . DA  D 1 4 ? 0.875   4.916   2.624   1.00 36.64  ? 410 DA  D N1    1 
ATOM   407 C  C2    . DA  D 1 4 ? 0.151   5.897   2.078   1.00 41.81  ? 410 DA  D C2    1 
ATOM   408 N  N3    . DA  D 1 4 ? -1.115  6.230   2.303   1.00 37.54  ? 410 DA  D N3    1 
ATOM   409 C  C4    . DA  D 1 4 ? -1.636  5.399   3.219   1.00 30.42  ? 410 DA  D C4    1 
ATOM   410 P  P     . DC  D 1 5 ? -7.381  6.939   0.947   1.00 62.15  ? 411 DC  D P     1 
ATOM   411 O  OP1   . DC  D 1 5 ? -8.053  8.057   0.241   1.00 53.14  ? 411 DC  D OP1   1 
ATOM   412 O  OP2   . DC  D 1 5 ? -8.146  5.723   1.318   1.00 80.57  ? 411 DC  D OP2   1 
ATOM   413 O  "O5'" . DC  D 1 5 ? -6.134  6.476   0.062   1.00 59.49  ? 411 DC  D "O5'" 1 
ATOM   414 C  "C5'" . DC  D 1 5 ? -5.079  7.409   -0.199  1.00 55.74  ? 411 DC  D "C5'" 1 
ATOM   415 C  "C4'" . DC  D 1 5 ? -4.074  6.844   -1.164  1.00 42.90  ? 411 DC  D "C4'" 1 
ATOM   416 O  "O4'" . DC  D 1 5 ? -3.174  5.949   -0.459  1.00 38.88  ? 411 DC  D "O4'" 1 
ATOM   417 C  "C3'" . DC  D 1 5 ? -4.635  5.997   -2.293  1.00 50.59  ? 411 DC  D "C3'" 1 
ATOM   418 O  "O3'" . DC  D 1 5 ? -3.876  6.174   -3.480  1.00 56.97  ? 411 DC  D "O3'" 1 
ATOM   419 C  "C2'" . DC  D 1 5 ? -4.526  4.585   -1.789  1.00 54.19  ? 411 DC  D "C2'" 1 
ATOM   420 C  "C1'" . DC  D 1 5 ? -3.163  4.687   -1.117  1.00 42.99  ? 411 DC  D "C1'" 1 
ATOM   421 N  N1    . DC  D 1 5 ? -2.870  3.690   -0.090  1.00 42.06  ? 411 DC  D N1    1 
ATOM   422 C  C2    . DC  D 1 5 ? -1.510  3.368   0.087   1.00 41.03  ? 411 DC  D C2    1 
ATOM   423 O  O2    . DC  D 1 5 ? -0.727  3.971   -0.653  1.00 55.93  ? 411 DC  D O2    1 
ATOM   424 N  N3    . DC  D 1 5 ? -1.146  2.458   1.012   1.00 36.30  ? 411 DC  D N3    1 
ATOM   425 C  C4    . DC  D 1 5 ? -2.103  1.877   1.750   1.00 34.87  ? 411 DC  D C4    1 
ATOM   426 N  N4    . DC  D 1 5 ? -1.718  0.983   2.658   1.00 45.42  ? 411 DC  D N4    1 
ATOM   427 C  C5    . DC  D 1 5 ? -3.483  2.189   1.587   1.00 31.68  ? 411 DC  D C5    1 
ATOM   428 C  C6    . DC  D 1 5 ? -3.839  3.097   0.665   1.00 29.59  ? 411 DC  D C6    1 
ATOM   429 P  P     . DG  D 1 6 ? -4.306  5.490   -4.852  1.00 55.97  ? 412 DG  D P     1 
ATOM   430 O  OP1   . DG  D 1 6 ? -3.265  5.811   -5.875  1.00 71.37  ? 412 DG  D OP1   1 
ATOM   431 O  OP2   . DG  D 1 6 ? -5.707  5.863   -5.156  1.00 39.30  ? 412 DG  D OP2   1 
ATOM   432 O  "O5'" . DG  D 1 6 ? -4.191  3.916   -4.554  1.00 43.01  ? 412 DG  D "O5'" 1 
ATOM   433 C  "C5'" . DG  D 1 6 ? -3.780  3.121   -5.669  1.00 52.85  ? 412 DG  D "C5'" 1 
ATOM   434 C  "C4'" . DG  D 1 6 ? -3.135  1.830   -5.309  1.00 47.74  ? 412 DG  D "C4'" 1 
ATOM   435 O  "O4'" . DG  D 1 6 ? -3.858  1.116   -4.285  1.00 49.46  ? 412 DG  D "O4'" 1 
ATOM   436 C  "C3'" . DG  D 1 6 ? -3.103  0.831   -6.464  1.00 57.73  ? 412 DG  D "C3'" 1 
ATOM   437 O  "O3'" . DG  D 1 6 ? -2.040  -0.107  -6.316  1.00 81.60  ? 412 DG  D "O3'" 1 
ATOM   438 C  "C2'" . DG  D 1 6 ? -4.458  0.182   -6.388  1.00 56.07  ? 412 DG  D "C2'" 1 
ATOM   439 C  "C1'" . DG  D 1 6 ? -4.891  0.390   -4.957  1.00 49.89  ? 412 DG  D "C1'" 1 
ATOM   440 N  N9    . DG  D 1 6 ? -6.086  1.223   -4.761  1.00 31.69  ? 412 DG  D N9    1 
ATOM   441 C  C8    . DG  D 1 6 ? -6.865  1.864   -5.683  1.00 28.74  ? 412 DG  D C8    1 
ATOM   442 N  N7    . DG  D 1 6 ? -7.854  2.520   -5.138  1.00 31.37  ? 412 DG  D N7    1 
ATOM   443 C  C5    . DG  D 1 6 ? -7.708  2.292   -3.779  1.00 23.62  ? 412 DG  D C5    1 
ATOM   444 C  C6    . DG  D 1 6 ? -8.484  2.746   -2.677  1.00 36.96  ? 412 DG  D C6    1 
ATOM   445 O  O6    . DG  D 1 6 ? -9.490  3.467   -2.722  1.00 44.12  ? 412 DG  D O6    1 
ATOM   446 N  N1    . DG  D 1 6 ? -7.972  2.273   -1.478  1.00 39.80  ? 412 DG  D N1    1 
ATOM   447 C  C2    . DG  D 1 6 ? -6.866  1.469   -1.331  1.00 42.23  ? 412 DG  D C2    1 
ATOM   448 N  N2    . DG  D 1 6 ? -6.511  1.104   -0.089  1.00 31.70  ? 412 DG  D N2    1 
ATOM   449 N  N3    . DG  D 1 6 ? -6.137  1.042   -2.354  1.00 34.06  ? 412 DG  D N3    1 
ATOM   450 C  C4    . DG  D 1 6 ? -6.628  1.500   -3.527  1.00 18.68  ? 412 DG  D C4    1 
HETATM 451 C  C1    . CTI E 2 . ? -5.227  -11.447 -6.935  1.00 61.25  ? 201 CTI A C1    1 
HETATM 452 C  C2    . CTI E 2 . ? -4.117  -11.358 -7.769  1.00 65.98  ? 201 CTI A C2    1 
HETATM 453 C  C3    . CTI E 2 . ? -4.418  -10.737 -8.991  1.00 65.40  ? 201 CTI A C3    1 
HETATM 454 C  C4    . CTI E 2 . ? -5.691  -10.284 -9.306  1.00 57.65  ? 201 CTI A C4    1 
HETATM 455 C  C5    . CTI E 2 . ? -2.816  -11.794 -7.498  1.00 65.61  ? 201 CTI A C5    1 
HETATM 456 C  C6    . CTI E 2 . ? -1.877  -11.581 -8.531  1.00 66.21  ? 201 CTI A C6    1 
HETATM 457 C  C7    . CTI E 2 . ? -2.185  -10.984 -9.748  1.00 70.60  ? 201 CTI A C7    1 
HETATM 458 C  C8    . CTI E 2 . ? -3.466  -10.532 -9.982  1.00 72.03  ? 201 CTI A C8    1 
HETATM 459 N  N9    . CTI E 2 . ? -2.281  -12.403 -6.373  1.00 66.29  ? 201 CTI A N9    1 
HETATM 460 C  C10   . CTI E 2 . ? -0.532  -11.935 -8.456  1.00 64.33  ? 201 CTI A C10   1 
HETATM 461 C  C11   . CTI E 2 . ? -0.050  -12.601 -7.343  1.00 63.96  ? 201 CTI A C11   1 
HETATM 462 C  C12   . CTI E 2 . ? -0.944  -12.850 -6.325  1.00 67.71  ? 201 CTI A C12   1 
HETATM 463 C  C13   . CTI E 2 . ? -2.899  -12.835 -5.113  1.00 59.05  ? 201 CTI A C13   1 
HETATM 464 C  C14   . CTI E 2 . ? 2.130   -12.703 -8.345  1.00 70.02  ? 201 CTI A C14   1 
HETATM 465 C  C15   . CTI E 2 . ? 1.637   -12.069 -9.482  1.00 60.83  ? 201 CTI A C15   1 
HETATM 466 C  C16   . CTI E 2 . ? 0.305   -11.669 -9.538  1.00 58.00  ? 201 CTI A C16   1 
HETATM 467 C  C17   . CTI E 2 . ? 1.284   -12.990 -7.277  1.00 68.06  ? 201 CTI A C17   1 
HETATM 468 O  O18   . CTI E 2 . ? 1.778   -13.586 -6.153  1.00 71.16  ? 201 CTI A O18   1 
HETATM 469 C  C19   . CTI E 2 . ? 1.554   -14.965 -5.914  1.00 91.05  ? 201 CTI A C19   1 
HETATM 470 O  O20   . CTI E 2 . ? 3.459   -13.050 -8.292  1.00 72.43  ? 201 CTI A O20   1 
HETATM 471 C  C21   . CTI E 2 . ? 4.247   -12.711 -9.433  1.00 41.48  ? 201 CTI A C21   1 
HETATM 472 C  C22   . CTI E 2 . ? -6.531  -11.158 -7.290  1.00 55.69  ? 201 CTI A C22   1 
HETATM 473 C  C23   . CTI E 2 . ? -6.791  -10.637 -8.546  1.00 52.88  ? 201 CTI A C23   1 
HETATM 474 O  O24   . CTI E 2 . ? -7.653  -10.986 -6.512  1.00 65.54  ? 201 CTI A O24   1 
HETATM 475 C  C25   . CTI E 2 . ? -8.465  -10.060 -7.233  1.00 60.96  ? 201 CTI A C25   1 
HETATM 476 O  O26   . CTI E 2 . ? -8.085  -10.185 -8.608  1.00 55.91  ? 201 CTI A O26   1 
HETATM 477 CA CA    . CA  F 3 . ? -2.686  7.585   -7.167  1.00 71.40  ? 501 CA  B CA    1 
HETATM 478 O  O     . HOH G 4 . ? 6.839   -13.659 -8.959  1.00 62.94  ? 301 HOH A O     1 
HETATM 479 O  O     . HOH H 4 . ? 4.941   -11.116 4.626   1.00 48.24  ? 601 HOH B O     1 
HETATM 480 O  O     . HOH H 4 . ? 4.203   -14.306 -5.305  1.00 69.87  ? 602 HOH B O     1 
HETATM 481 O  O     . HOH H 4 . ? 4.117   -9.383  2.941   1.00 55.08  ? 603 HOH B O     1 
HETATM 482 O  O     . HOH I 4 . ? 8.387   -3.285  3.356   1.00 66.99  ? 401 HOH C O     1 
HETATM 483 O  O     . HOH I 4 . ? 9.093   12.560  -3.659  1.00 57.36  ? 402 HOH C O     1 
HETATM 484 O  O     . HOH J 4 . ? -9.674  1.194   9.267   1.00 57.69  ? 501 HOH D O     1 
HETATM 485 O  O     . HOH J 4 . ? 6.041   -0.335  17.722  1.00 67.41  ? 502 HOH D O     1 
HETATM 486 O  O     . HOH J 4 . ? -9.913  8.543   8.405   1.00 60.47  ? 503 HOH D O     1 
HETATM 487 O  O     . HOH J 4 . ? 3.229   1.914   7.560   1.00 41.54  ? 504 HOH D O     1 
HETATM 488 O  O     . HOH J 4 . ? 7.063   -3.057  16.742  1.00 68.62  ? 505 HOH D O     1 
# 
loop_
_pdbx_poly_seq_scheme.asym_id 
_pdbx_poly_seq_scheme.entity_id 
_pdbx_poly_seq_scheme.seq_id 
_pdbx_poly_seq_scheme.mon_id 
_pdbx_poly_seq_scheme.ndb_seq_num 
_pdbx_poly_seq_scheme.pdb_seq_num 
_pdbx_poly_seq_scheme.auth_seq_num 
_pdbx_poly_seq_scheme.pdb_mon_id 
_pdbx_poly_seq_scheme.auth_mon_id 
_pdbx_poly_seq_scheme.pdb_strand_id 
_pdbx_poly_seq_scheme.pdb_ins_code 
_pdbx_poly_seq_scheme.hetero 
A 1 1 DC 1 101 101 DC DC A . n 
A 1 2 DG 2 102 102 DG DG A . n 
A 1 3 DT 3 103 103 DT DT A . n 
A 1 4 DA 4 104 104 DA DA A . n 
A 1 5 DC 5 105 105 DC DC A . n 
A 1 6 DG 6 106 106 DG DG A . n 
B 1 1 DC 1 207 207 DC DC B . n 
B 1 2 DG 2 208 208 DG DG B . n 
B 1 3 DT 3 209 209 DT DT B . n 
B 1 4 DA 4 210 210 DA DA B . n 
B 1 5 DC 5 211 211 DC DC B . n 
B 1 6 DG 6 212 212 DG DG B . n 
C 1 1 DC 1 301 301 DC DC C . n 
C 1 2 DG 2 302 302 DG DG C . n 
C 1 3 DT 3 303 303 DT DT C . n 
C 1 4 DA 4 304 304 DA DA C . n 
C 1 5 DC 5 305 305 DC DC C . n 
C 1 6 DG 6 306 306 DG DG C . n 
D 1 1 DC 1 407 407 DC DC D . n 
D 1 2 DG 2 408 408 DG DG D . n 
D 1 3 DT 3 409 409 DT DT D . n 
D 1 4 DA 4 410 410 DA DA D . n 
D 1 5 DC 5 411 411 DC DC D . n 
D 1 6 DG 6 412 412 DG DG D . n 
# 
loop_
_pdbx_nonpoly_scheme.asym_id 
_pdbx_nonpoly_scheme.entity_id 
_pdbx_nonpoly_scheme.mon_id 
_pdbx_nonpoly_scheme.ndb_seq_num 
_pdbx_nonpoly_scheme.pdb_seq_num 
_pdbx_nonpoly_scheme.auth_seq_num 
_pdbx_nonpoly_scheme.pdb_mon_id 
_pdbx_nonpoly_scheme.auth_mon_id 
_pdbx_nonpoly_scheme.pdb_strand_id 
_pdbx_nonpoly_scheme.pdb_ins_code 
E 2 CTI 1 201 606 CTI CTI A . 
F 3 CA  1 501 501 CA  CA  B . 
G 4 HOH 1 301 709 HOH HOH A . 
H 4 HOH 1 601 708 HOH HOH B . 
H 4 HOH 2 602 701 HOH HOH B . 
H 4 HOH 3 603 702 HOH HOH B . 
I 4 HOH 1 401 703 HOH HOH C . 
I 4 HOH 2 402 710 HOH HOH C . 
J 4 HOH 1 501 704 HOH HOH D . 
J 4 HOH 2 502 705 HOH HOH D . 
J 4 HOH 3 503 706 HOH HOH D . 
J 4 HOH 4 504 707 HOH HOH D . 
J 4 HOH 5 505 711 HOH HOH D . 
# 
loop_
_pdbx_struct_assembly.id 
_pdbx_struct_assembly.details 
_pdbx_struct_assembly.method_details 
_pdbx_struct_assembly.oligomeric_details 
_pdbx_struct_assembly.oligomeric_count 
1 author_and_software_defined_assembly PISA dimeric 2 
2 author_and_software_defined_assembly PISA dimeric 2 
# 
loop_
_pdbx_struct_assembly_gen.assembly_id 
_pdbx_struct_assembly_gen.oper_expression 
_pdbx_struct_assembly_gen.asym_id_list 
1 1 A,B,E,F,G,H 
2 1 C,D,I,J     
# 
loop_
_pdbx_struct_assembly_prop.biol_id 
_pdbx_struct_assembly_prop.type 
_pdbx_struct_assembly_prop.value 
_pdbx_struct_assembly_prop.details 
1 'ABSA (A^2)' 550  ? 
1 MORE         -6   ? 
1 'SSA (A^2)'  2720 ? 
2 'ABSA (A^2)' 370  ? 
2 MORE         -2   ? 
2 'SSA (A^2)'  2640 ? 
# 
_pdbx_struct_oper_list.id                   1 
_pdbx_struct_oper_list.type                 'identity operation' 
_pdbx_struct_oper_list.name                 1_555 
_pdbx_struct_oper_list.symmetry_operation   x,y,z 
_pdbx_struct_oper_list.matrix[1][1]         1.0000000000 
_pdbx_struct_oper_list.matrix[1][2]         0.0000000000 
_pdbx_struct_oper_list.matrix[1][3]         0.0000000000 
_pdbx_struct_oper_list.vector[1]            0.0000000000 
_pdbx_struct_oper_list.matrix[2][1]         0.0000000000 
_pdbx_struct_oper_list.matrix[2][2]         1.0000000000 
_pdbx_struct_oper_list.matrix[2][3]         0.0000000000 
_pdbx_struct_oper_list.vector[2]            0.0000000000 
_pdbx_struct_oper_list.matrix[3][1]         0.0000000000 
_pdbx_struct_oper_list.matrix[3][2]         0.0000000000 
_pdbx_struct_oper_list.matrix[3][3]         1.0000000000 
_pdbx_struct_oper_list.vector[3]            0.0000000000 
# 
_pdbx_struct_conn_angle.id                    1 
_pdbx_struct_conn_angle.ptnr1_label_atom_id   OP1 
_pdbx_struct_conn_angle.ptnr1_label_alt_id    ? 
_pdbx_struct_conn_angle.ptnr1_label_asym_id   B 
_pdbx_struct_conn_angle.ptnr1_label_comp_id   DG 
_pdbx_struct_conn_angle.ptnr1_label_seq_id    6 
_pdbx_struct_conn_angle.ptnr1_auth_atom_id    ? 
_pdbx_struct_conn_angle.ptnr1_auth_asym_id    B 
_pdbx_struct_conn_angle.ptnr1_auth_comp_id    DG 
_pdbx_struct_conn_angle.ptnr1_auth_seq_id     212 
_pdbx_struct_conn_angle.ptnr1_PDB_ins_code    ? 
_pdbx_struct_conn_angle.ptnr1_symmetry        1_555 
_pdbx_struct_conn_angle.ptnr2_label_atom_id   CA 
_pdbx_struct_conn_angle.ptnr2_label_alt_id    ? 
_pdbx_struct_conn_angle.ptnr2_label_asym_id   F 
_pdbx_struct_conn_angle.ptnr2_label_comp_id   CA 
_pdbx_struct_conn_angle.ptnr2_label_seq_id    . 
_pdbx_struct_conn_angle.ptnr2_auth_atom_id    ? 
_pdbx_struct_conn_angle.ptnr2_auth_asym_id    B 
_pdbx_struct_conn_angle.ptnr2_auth_comp_id    CA 
_pdbx_struct_conn_angle.ptnr2_auth_seq_id     501 
_pdbx_struct_conn_angle.ptnr2_PDB_ins_code    ? 
_pdbx_struct_conn_angle.ptnr2_symmetry        1_555 
_pdbx_struct_conn_angle.ptnr3_label_atom_id   OP1 
_pdbx_struct_conn_angle.ptnr3_label_alt_id    ? 
_pdbx_struct_conn_angle.ptnr3_label_asym_id   D 
_pdbx_struct_conn_angle.ptnr3_label_comp_id   DG 
_pdbx_struct_conn_angle.ptnr3_label_seq_id    6 
_pdbx_struct_conn_angle.ptnr3_auth_atom_id    ? 
_pdbx_struct_conn_angle.ptnr3_auth_asym_id    D 
_pdbx_struct_conn_angle.ptnr3_auth_comp_id    DG 
_pdbx_struct_conn_angle.ptnr3_auth_seq_id     412 
_pdbx_struct_conn_angle.ptnr3_PDB_ins_code    ? 
_pdbx_struct_conn_angle.ptnr3_symmetry        1_555 
_pdbx_struct_conn_angle.value                 68.8 
_pdbx_struct_conn_angle.value_esd             ? 
# 
loop_
_pdbx_audit_revision_history.ordinal 
_pdbx_audit_revision_history.data_content_type 
_pdbx_audit_revision_history.major_revision 
_pdbx_audit_revision_history.minor_revision 
_pdbx_audit_revision_history.revision_date 
1 'Structure model' 1 0 2013-01-23 
2 'Structure model' 1 1 2013-03-13 
3 'Structure model' 1 2 2017-11-15 
4 'Structure model' 1 3 2023-09-13 
# 
_pdbx_audit_revision_details.ordinal             1 
_pdbx_audit_revision_details.revision_ordinal    1 
_pdbx_audit_revision_details.data_content_type   'Structure model' 
_pdbx_audit_revision_details.provider            repository 
_pdbx_audit_revision_details.type                'Initial release' 
_pdbx_audit_revision_details.description         ? 
_pdbx_audit_revision_details.details             ? 
# 
loop_
_pdbx_audit_revision_group.ordinal 
_pdbx_audit_revision_group.revision_ordinal 
_pdbx_audit_revision_group.data_content_type 
_pdbx_audit_revision_group.group 
1 2 'Structure model' 'Refinement description' 
2 3 'Structure model' 'Refinement description' 
3 4 'Structure model' 'Data collection'        
4 4 'Structure model' 'Database references'    
5 4 'Structure model' 'Derived calculations'   
6 4 'Structure model' 'Refinement description' 
# 
loop_
_pdbx_audit_revision_category.ordinal 
_pdbx_audit_revision_category.revision_ordinal 
_pdbx_audit_revision_category.data_content_type 
_pdbx_audit_revision_category.category 
1 3 'Structure model' software                      
2 4 'Structure model' chem_comp_atom                
3 4 'Structure model' chem_comp_bond                
4 4 'Structure model' database_2                    
5 4 'Structure model' pdbx_initial_refinement_model 
6 4 'Structure model' struct_conn                   
7 4 'Structure model' struct_site                   
# 
loop_
_pdbx_audit_revision_item.ordinal 
_pdbx_audit_revision_item.revision_ordinal 
_pdbx_audit_revision_item.data_content_type 
_pdbx_audit_revision_item.item 
1  4 'Structure model' '_database_2.pdbx_DOI'                
2  4 'Structure model' '_database_2.pdbx_database_accession' 
3  4 'Structure model' '_struct_conn.ptnr1_auth_asym_id'     
4  4 'Structure model' '_struct_conn.ptnr1_auth_comp_id'     
5  4 'Structure model' '_struct_conn.ptnr1_auth_seq_id'      
6  4 'Structure model' '_struct_conn.ptnr1_label_asym_id'    
7  4 'Structure model' '_struct_conn.ptnr1_label_atom_id'    
8  4 'Structure model' '_struct_conn.ptnr1_label_comp_id'    
9  4 'Structure model' '_struct_conn.ptnr1_label_seq_id'     
10 4 'Structure model' '_struct_conn.ptnr2_auth_asym_id'     
11 4 'Structure model' '_struct_conn.ptnr2_auth_comp_id'     
12 4 'Structure model' '_struct_conn.ptnr2_auth_seq_id'      
13 4 'Structure model' '_struct_conn.ptnr2_label_asym_id'    
14 4 'Structure model' '_struct_conn.ptnr2_label_atom_id'    
15 4 'Structure model' '_struct_conn.ptnr2_label_comp_id'    
16 4 'Structure model' '_struct_conn.ptnr2_label_seq_id'     
17 4 'Structure model' '_struct_site.pdbx_auth_asym_id'      
18 4 'Structure model' '_struct_site.pdbx_auth_comp_id'      
19 4 'Structure model' '_struct_site.pdbx_auth_seq_id'       
# 
_pdbx_phasing_MR.entry_id                     4D9Y 
_pdbx_phasing_MR.method_rotation              ? 
_pdbx_phasing_MR.method_translation           ? 
_pdbx_phasing_MR.model_details                ? 
_pdbx_phasing_MR.R_factor                     ? 
_pdbx_phasing_MR.R_rigid_body                 ? 
_pdbx_phasing_MR.correlation_coeff_Fo_to_Fc   ? 
_pdbx_phasing_MR.correlation_coeff_Io_to_Ic   ? 
_pdbx_phasing_MR.d_res_high_rotation          3.500 
_pdbx_phasing_MR.d_res_low_rotation           26.170 
_pdbx_phasing_MR.d_res_high_translation       3.500 
_pdbx_phasing_MR.d_res_low_translation        26.170 
_pdbx_phasing_MR.packing                      ? 
_pdbx_phasing_MR.reflns_percent_rotation      ? 
_pdbx_phasing_MR.reflns_percent_translation   ? 
_pdbx_phasing_MR.sigma_F_rotation             ? 
_pdbx_phasing_MR.sigma_F_translation          ? 
_pdbx_phasing_MR.sigma_I_rotation             ? 
_pdbx_phasing_MR.sigma_I_translation          ? 
# 
_phasing.method   MR 
# 
loop_
_software.pdbx_ordinal 
_software.name 
_software.version 
_software.date 
_software.type 
_software.contact_author 
_software.contact_author_email 
_software.classification 
_software.location 
_software.language 
_software.citation_id 
1 XSCALE      .    ?               package 'Wolfgang Kabsch'     ?                            'data scaling'    
http://www.mpimf-heidelberg.mpg.de/~kabsch/xds/html_doc/xscale_program.html ?          ? 
2 MOLREP      .    ?               program 'Alexei Vaguine'      alexei@ysbl.york.ac.uk       phasing           
http://www.ccp4.ac.uk/dist/html/molrep.html                                 Fortran_77 ? 
3 SHELX       .    ?               package 'George M. Sheldrick' gsheldr@shelx.uni-ac.gwdg.de refinement        
http://shelx.uni-ac.gwdg.de/SHELX/                                          Fortran_77 ? 
4 PDB_EXTRACT 3.10 'June 10, 2010' package PDB                   deposit@deposit.rcsb.org     'data extraction' 
http://sw-tools.pdb.org/apps/PDB_EXTRACT/                                   C++        ? 
5 XDS         .    ?               ?       ?                     ?                            'data reduction'  ? ?          ? 
6 XDS         .    ?               ?       ?                     ?                            'data scaling'    ? ?          ? 
# 
loop_
_pdbx_validate_rmsd_angle.id 
_pdbx_validate_rmsd_angle.PDB_model_num 
_pdbx_validate_rmsd_angle.auth_atom_id_1 
_pdbx_validate_rmsd_angle.auth_asym_id_1 
_pdbx_validate_rmsd_angle.auth_comp_id_1 
_pdbx_validate_rmsd_angle.auth_seq_id_1 
_pdbx_validate_rmsd_angle.PDB_ins_code_1 
_pdbx_validate_rmsd_angle.label_alt_id_1 
_pdbx_validate_rmsd_angle.auth_atom_id_2 
_pdbx_validate_rmsd_angle.auth_asym_id_2 
_pdbx_validate_rmsd_angle.auth_comp_id_2 
_pdbx_validate_rmsd_angle.auth_seq_id_2 
_pdbx_validate_rmsd_angle.PDB_ins_code_2 
_pdbx_validate_rmsd_angle.label_alt_id_2 
_pdbx_validate_rmsd_angle.auth_atom_id_3 
_pdbx_validate_rmsd_angle.auth_asym_id_3 
_pdbx_validate_rmsd_angle.auth_comp_id_3 
_pdbx_validate_rmsd_angle.auth_seq_id_3 
_pdbx_validate_rmsd_angle.PDB_ins_code_3 
_pdbx_validate_rmsd_angle.label_alt_id_3 
_pdbx_validate_rmsd_angle.angle_value 
_pdbx_validate_rmsd_angle.angle_target_value 
_pdbx_validate_rmsd_angle.angle_deviation 
_pdbx_validate_rmsd_angle.angle_standard_deviation 
_pdbx_validate_rmsd_angle.linker_flag 
1 1 "O4'" A DT 103 ? ? "C1'" A DT 103 ? ? N1    A DT 103 ? ? 110.22 108.30 1.92  0.30 N 
2 1 "C1'" A DC 105 ? ? "O4'" A DC 105 ? ? "C4'" A DC 105 ? ? 102.41 110.10 -7.69 1.00 N 
3 1 "O4'" A DC 105 ? ? "C1'" A DC 105 ? ? N1    A DC 105 ? ? 110.50 108.30 2.20  0.30 N 
4 1 "C1'" B DC 211 ? ? "O4'" B DC 211 ? ? "C4'" B DC 211 ? ? 103.51 110.10 -6.59 1.00 N 
5 1 "O4'" B DG 212 ? ? "C1'" B DG 212 ? ? N9    B DG 212 ? ? 110.29 108.30 1.99  0.30 N 
6 1 "C1'" C DT 303 ? ? "O4'" C DT 303 ? ? "C4'" C DT 303 ? ? 104.01 110.10 -6.09 1.00 N 
7 1 "O4'" C DT 303 ? ? "C1'" C DT 303 ? ? N1    C DT 303 ? ? 110.65 108.30 2.35  0.30 N 
8 1 N1    D DC 411 ? ? C2    D DC 411 ? ? O2    D DC 411 ? ? 115.15 118.90 -3.75 0.60 N 
9 1 "O4'" D DG 412 ? ? "C1'" D DG 412 ? ? N9    D DG 412 ? ? 103.66 108.00 -4.34 0.70 N 
# 
loop_
_pdbx_unobs_or_zero_occ_atoms.id 
_pdbx_unobs_or_zero_occ_atoms.PDB_model_num 
_pdbx_unobs_or_zero_occ_atoms.polymer_flag 
_pdbx_unobs_or_zero_occ_atoms.occupancy_flag 
_pdbx_unobs_or_zero_occ_atoms.auth_asym_id 
_pdbx_unobs_or_zero_occ_atoms.auth_comp_id 
_pdbx_unobs_or_zero_occ_atoms.auth_seq_id 
_pdbx_unobs_or_zero_occ_atoms.PDB_ins_code 
_pdbx_unobs_or_zero_occ_atoms.auth_atom_id 
_pdbx_unobs_or_zero_occ_atoms.label_alt_id 
_pdbx_unobs_or_zero_occ_atoms.label_asym_id 
_pdbx_unobs_or_zero_occ_atoms.label_comp_id 
_pdbx_unobs_or_zero_occ_atoms.label_seq_id 
_pdbx_unobs_or_zero_occ_atoms.label_atom_id 
1  1 Y 1 A DC 101 ? "O5'" ? A DC 1 "O5'" 
2  1 Y 1 A DC 101 ? "C5'" ? A DC 1 "C5'" 
3  1 Y 1 A DC 101 ? "C4'" ? A DC 1 "C4'" 
4  1 Y 1 A DC 101 ? "O4'" ? A DC 1 "O4'" 
5  1 Y 1 A DC 101 ? "C3'" ? A DC 1 "C3'" 
6  1 Y 1 A DC 101 ? "C2'" ? A DC 1 "C2'" 
7  1 Y 1 A DC 101 ? "C1'" ? A DC 1 "C1'" 
8  1 Y 1 A DC 101 ? N1    ? A DC 1 N1    
9  1 Y 1 A DC 101 ? C2    ? A DC 1 C2    
10 1 Y 1 A DC 101 ? O2    ? A DC 1 O2    
11 1 Y 1 A DC 101 ? N3    ? A DC 1 N3    
12 1 Y 1 A DC 101 ? C4    ? A DC 1 C4    
13 1 Y 1 A DC 101 ? N4    ? A DC 1 N4    
14 1 Y 1 A DC 101 ? C5    ? A DC 1 C5    
15 1 Y 1 A DC 101 ? C6    ? A DC 1 C6    
16 1 Y 1 C DC 301 ? "O5'" ? C DC 1 "O5'" 
17 1 Y 1 C DC 301 ? "C5'" ? C DC 1 "C5'" 
18 1 Y 1 C DC 301 ? "C4'" ? C DC 1 "C4'" 
19 1 Y 1 C DC 301 ? "O4'" ? C DC 1 "O4'" 
20 1 Y 1 C DC 301 ? "C3'" ? C DC 1 "C3'" 
21 1 Y 1 C DC 301 ? "C2'" ? C DC 1 "C2'" 
22 1 Y 1 C DC 301 ? "C1'" ? C DC 1 "C1'" 
23 1 Y 1 C DC 301 ? N1    ? C DC 1 N1    
24 1 Y 1 C DC 301 ? C2    ? C DC 1 C2    
25 1 Y 1 C DC 301 ? O2    ? C DC 1 O2    
26 1 Y 1 C DC 301 ? N3    ? C DC 1 N3    
27 1 Y 1 C DC 301 ? C4    ? C DC 1 C4    
28 1 Y 1 C DC 301 ? N4    ? C DC 1 N4    
29 1 Y 1 C DC 301 ? C5    ? C DC 1 C5    
30 1 Y 1 C DC 301 ? C6    ? C DC 1 C6    
# 
loop_
_chem_comp_atom.comp_id 
_chem_comp_atom.atom_id 
_chem_comp_atom.type_symbol 
_chem_comp_atom.pdbx_aromatic_flag 
_chem_comp_atom.pdbx_stereo_config 
_chem_comp_atom.pdbx_ordinal 
CA  CA     CA N N 1   
CTI C1     C  Y N 2   
CTI C2     C  Y N 3   
CTI C3     C  Y N 4   
CTI C4     C  Y N 5   
CTI C5     C  Y N 6   
CTI C6     C  Y N 7   
CTI C7     C  Y N 8   
CTI C8     C  Y N 9   
CTI N9     N  Y N 10  
CTI C10    C  Y N 11  
CTI C11    C  Y N 12  
CTI C12    C  Y N 13  
CTI C13    C  N N 14  
CTI C14    C  Y N 15  
CTI C15    C  Y N 16  
CTI C16    C  Y N 17  
CTI C17    C  Y N 18  
CTI O18    O  N N 19  
CTI C19    C  N N 20  
CTI O20    O  N N 21  
CTI C21    C  N N 22  
CTI C22    C  Y N 23  
CTI C23    C  Y N 24  
CTI O24    O  N N 25  
CTI C25    C  N N 26  
CTI O26    O  N N 27  
CTI H1     H  N N 28  
CTI H4     H  N N 29  
CTI H7     H  N N 30  
CTI H8     H  N N 31  
CTI H12    H  N N 32  
CTI H13    H  N N 33  
CTI H13A   H  N N 34  
CTI H13B   H  N N 35  
CTI H15    H  N N 36  
CTI H16    H  N N 37  
CTI H19    H  N N 38  
CTI H19A   H  N N 39  
CTI H19B   H  N N 40  
CTI H21    H  N N 41  
CTI H21A   H  N N 42  
CTI H21B   H  N N 43  
CTI H25    H  N N 44  
CTI H25A   H  N N 45  
DA  OP3    O  N N 46  
DA  P      P  N N 47  
DA  OP1    O  N N 48  
DA  OP2    O  N N 49  
DA  "O5'"  O  N N 50  
DA  "C5'"  C  N N 51  
DA  "C4'"  C  N R 52  
DA  "O4'"  O  N N 53  
DA  "C3'"  C  N S 54  
DA  "O3'"  O  N N 55  
DA  "C2'"  C  N N 56  
DA  "C1'"  C  N R 57  
DA  N9     N  Y N 58  
DA  C8     C  Y N 59  
DA  N7     N  Y N 60  
DA  C5     C  Y N 61  
DA  C6     C  Y N 62  
DA  N6     N  N N 63  
DA  N1     N  Y N 64  
DA  C2     C  Y N 65  
DA  N3     N  Y N 66  
DA  C4     C  Y N 67  
DA  HOP3   H  N N 68  
DA  HOP2   H  N N 69  
DA  "H5'"  H  N N 70  
DA  "H5''" H  N N 71  
DA  "H4'"  H  N N 72  
DA  "H3'"  H  N N 73  
DA  "HO3'" H  N N 74  
DA  "H2'"  H  N N 75  
DA  "H2''" H  N N 76  
DA  "H1'"  H  N N 77  
DA  H8     H  N N 78  
DA  H61    H  N N 79  
DA  H62    H  N N 80  
DA  H2     H  N N 81  
DC  OP3    O  N N 82  
DC  P      P  N N 83  
DC  OP1    O  N N 84  
DC  OP2    O  N N 85  
DC  "O5'"  O  N N 86  
DC  "C5'"  C  N N 87  
DC  "C4'"  C  N R 88  
DC  "O4'"  O  N N 89  
DC  "C3'"  C  N S 90  
DC  "O3'"  O  N N 91  
DC  "C2'"  C  N N 92  
DC  "C1'"  C  N R 93  
DC  N1     N  N N 94  
DC  C2     C  N N 95  
DC  O2     O  N N 96  
DC  N3     N  N N 97  
DC  C4     C  N N 98  
DC  N4     N  N N 99  
DC  C5     C  N N 100 
DC  C6     C  N N 101 
DC  HOP3   H  N N 102 
DC  HOP2   H  N N 103 
DC  "H5'"  H  N N 104 
DC  "H5''" H  N N 105 
DC  "H4'"  H  N N 106 
DC  "H3'"  H  N N 107 
DC  "HO3'" H  N N 108 
DC  "H2'"  H  N N 109 
DC  "H2''" H  N N 110 
DC  "H1'"  H  N N 111 
DC  H41    H  N N 112 
DC  H42    H  N N 113 
DC  H5     H  N N 114 
DC  H6     H  N N 115 
DG  OP3    O  N N 116 
DG  P      P  N N 117 
DG  OP1    O  N N 118 
DG  OP2    O  N N 119 
DG  "O5'"  O  N N 120 
DG  "C5'"  C  N N 121 
DG  "C4'"  C  N R 122 
DG  "O4'"  O  N N 123 
DG  "C3'"  C  N S 124 
DG  "O3'"  O  N N 125 
DG  "C2'"  C  N N 126 
DG  "C1'"  C  N R 127 
DG  N9     N  Y N 128 
DG  C8     C  Y N 129 
DG  N7     N  Y N 130 
DG  C5     C  Y N 131 
DG  C6     C  N N 132 
DG  O6     O  N N 133 
DG  N1     N  N N 134 
DG  C2     C  N N 135 
DG  N2     N  N N 136 
DG  N3     N  N N 137 
DG  C4     C  Y N 138 
DG  HOP3   H  N N 139 
DG  HOP2   H  N N 140 
DG  "H5'"  H  N N 141 
DG  "H5''" H  N N 142 
DG  "H4'"  H  N N 143 
DG  "H3'"  H  N N 144 
DG  "HO3'" H  N N 145 
DG  "H2'"  H  N N 146 
DG  "H2''" H  N N 147 
DG  "H1'"  H  N N 148 
DG  H8     H  N N 149 
DG  H1     H  N N 150 
DG  H21    H  N N 151 
DG  H22    H  N N 152 
DT  OP3    O  N N 153 
DT  P      P  N N 154 
DT  OP1    O  N N 155 
DT  OP2    O  N N 156 
DT  "O5'"  O  N N 157 
DT  "C5'"  C  N N 158 
DT  "C4'"  C  N R 159 
DT  "O4'"  O  N N 160 
DT  "C3'"  C  N S 161 
DT  "O3'"  O  N N 162 
DT  "C2'"  C  N N 163 
DT  "C1'"  C  N R 164 
DT  N1     N  N N 165 
DT  C2     C  N N 166 
DT  O2     O  N N 167 
DT  N3     N  N N 168 
DT  C4     C  N N 169 
DT  O4     O  N N 170 
DT  C5     C  N N 171 
DT  C7     C  N N 172 
DT  C6     C  N N 173 
DT  HOP3   H  N N 174 
DT  HOP2   H  N N 175 
DT  "H5'"  H  N N 176 
DT  "H5''" H  N N 177 
DT  "H4'"  H  N N 178 
DT  "H3'"  H  N N 179 
DT  "HO3'" H  N N 180 
DT  "H2'"  H  N N 181 
DT  "H2''" H  N N 182 
DT  "H1'"  H  N N 183 
DT  H3     H  N N 184 
DT  H71    H  N N 185 
DT  H72    H  N N 186 
DT  H73    H  N N 187 
DT  H6     H  N N 188 
HOH O      O  N N 189 
HOH H1     H  N N 190 
HOH H2     H  N N 191 
# 
loop_
_chem_comp_bond.comp_id 
_chem_comp_bond.atom_id_1 
_chem_comp_bond.atom_id_2 
_chem_comp_bond.value_order 
_chem_comp_bond.pdbx_aromatic_flag 
_chem_comp_bond.pdbx_stereo_config 
_chem_comp_bond.pdbx_ordinal 
CTI C1    C2     doub Y N 1   
CTI C1    C22    sing Y N 2   
CTI C2    C3     sing Y N 3   
CTI C2    C5     sing Y N 4   
CTI C3    C4     doub Y N 5   
CTI C3    C8     sing Y N 6   
CTI C4    C23    sing Y N 7   
CTI C5    C6     doub Y N 8   
CTI C5    N9     sing Y N 9   
CTI C6    C7     sing Y N 10  
CTI C6    C10    sing Y N 11  
CTI C7    C8     doub Y N 12  
CTI N9    C12    doub Y N 13  
CTI N9    C13    sing N N 14  
CTI C10   C11    doub Y N 15  
CTI C10   C16    sing Y N 16  
CTI C11   C12    sing Y N 17  
CTI C11   C17    sing Y N 18  
CTI C14   C15    sing Y N 19  
CTI C14   C17    doub Y N 20  
CTI C14   O20    sing N N 21  
CTI C15   C16    doub Y N 22  
CTI C17   O18    sing N N 23  
CTI O18   C19    sing N N 24  
CTI O20   C21    sing N N 25  
CTI C22   C23    doub Y N 26  
CTI C22   O24    sing N N 27  
CTI C23   O26    sing N N 28  
CTI O24   C25    sing N N 29  
CTI C25   O26    sing N N 30  
CTI C1    H1     sing N N 31  
CTI C4    H4     sing N N 32  
CTI C7    H7     sing N N 33  
CTI C8    H8     sing N N 34  
CTI C12   H12    sing N N 35  
CTI C13   H13    sing N N 36  
CTI C13   H13A   sing N N 37  
CTI C13   H13B   sing N N 38  
CTI C15   H15    sing N N 39  
CTI C16   H16    sing N N 40  
CTI C19   H19    sing N N 41  
CTI C19   H19A   sing N N 42  
CTI C19   H19B   sing N N 43  
CTI C21   H21    sing N N 44  
CTI C21   H21A   sing N N 45  
CTI C21   H21B   sing N N 46  
CTI C25   H25    sing N N 47  
CTI C25   H25A   sing N N 48  
DA  OP3   P      sing N N 49  
DA  OP3   HOP3   sing N N 50  
DA  P     OP1    doub N N 51  
DA  P     OP2    sing N N 52  
DA  P     "O5'"  sing N N 53  
DA  OP2   HOP2   sing N N 54  
DA  "O5'" "C5'"  sing N N 55  
DA  "C5'" "C4'"  sing N N 56  
DA  "C5'" "H5'"  sing N N 57  
DA  "C5'" "H5''" sing N N 58  
DA  "C4'" "O4'"  sing N N 59  
DA  "C4'" "C3'"  sing N N 60  
DA  "C4'" "H4'"  sing N N 61  
DA  "O4'" "C1'"  sing N N 62  
DA  "C3'" "O3'"  sing N N 63  
DA  "C3'" "C2'"  sing N N 64  
DA  "C3'" "H3'"  sing N N 65  
DA  "O3'" "HO3'" sing N N 66  
DA  "C2'" "C1'"  sing N N 67  
DA  "C2'" "H2'"  sing N N 68  
DA  "C2'" "H2''" sing N N 69  
DA  "C1'" N9     sing N N 70  
DA  "C1'" "H1'"  sing N N 71  
DA  N9    C8     sing Y N 72  
DA  N9    C4     sing Y N 73  
DA  C8    N7     doub Y N 74  
DA  C8    H8     sing N N 75  
DA  N7    C5     sing Y N 76  
DA  C5    C6     sing Y N 77  
DA  C5    C4     doub Y N 78  
DA  C6    N6     sing N N 79  
DA  C6    N1     doub Y N 80  
DA  N6    H61    sing N N 81  
DA  N6    H62    sing N N 82  
DA  N1    C2     sing Y N 83  
DA  C2    N3     doub Y N 84  
DA  C2    H2     sing N N 85  
DA  N3    C4     sing Y N 86  
DC  OP3   P      sing N N 87  
DC  OP3   HOP3   sing N N 88  
DC  P     OP1    doub N N 89  
DC  P     OP2    sing N N 90  
DC  P     "O5'"  sing N N 91  
DC  OP2   HOP2   sing N N 92  
DC  "O5'" "C5'"  sing N N 93  
DC  "C5'" "C4'"  sing N N 94  
DC  "C5'" "H5'"  sing N N 95  
DC  "C5'" "H5''" sing N N 96  
DC  "C4'" "O4'"  sing N N 97  
DC  "C4'" "C3'"  sing N N 98  
DC  "C4'" "H4'"  sing N N 99  
DC  "O4'" "C1'"  sing N N 100 
DC  "C3'" "O3'"  sing N N 101 
DC  "C3'" "C2'"  sing N N 102 
DC  "C3'" "H3'"  sing N N 103 
DC  "O3'" "HO3'" sing N N 104 
DC  "C2'" "C1'"  sing N N 105 
DC  "C2'" "H2'"  sing N N 106 
DC  "C2'" "H2''" sing N N 107 
DC  "C1'" N1     sing N N 108 
DC  "C1'" "H1'"  sing N N 109 
DC  N1    C2     sing N N 110 
DC  N1    C6     sing N N 111 
DC  C2    O2     doub N N 112 
DC  C2    N3     sing N N 113 
DC  N3    C4     doub N N 114 
DC  C4    N4     sing N N 115 
DC  C4    C5     sing N N 116 
DC  N4    H41    sing N N 117 
DC  N4    H42    sing N N 118 
DC  C5    C6     doub N N 119 
DC  C5    H5     sing N N 120 
DC  C6    H6     sing N N 121 
DG  OP3   P      sing N N 122 
DG  OP3   HOP3   sing N N 123 
DG  P     OP1    doub N N 124 
DG  P     OP2    sing N N 125 
DG  P     "O5'"  sing N N 126 
DG  OP2   HOP2   sing N N 127 
DG  "O5'" "C5'"  sing N N 128 
DG  "C5'" "C4'"  sing N N 129 
DG  "C5'" "H5'"  sing N N 130 
DG  "C5'" "H5''" sing N N 131 
DG  "C4'" "O4'"  sing N N 132 
DG  "C4'" "C3'"  sing N N 133 
DG  "C4'" "H4'"  sing N N 134 
DG  "O4'" "C1'"  sing N N 135 
DG  "C3'" "O3'"  sing N N 136 
DG  "C3'" "C2'"  sing N N 137 
DG  "C3'" "H3'"  sing N N 138 
DG  "O3'" "HO3'" sing N N 139 
DG  "C2'" "C1'"  sing N N 140 
DG  "C2'" "H2'"  sing N N 141 
DG  "C2'" "H2''" sing N N 142 
DG  "C1'" N9     sing N N 143 
DG  "C1'" "H1'"  sing N N 144 
DG  N9    C8     sing Y N 145 
DG  N9    C4     sing Y N 146 
DG  C8    N7     doub Y N 147 
DG  C8    H8     sing N N 148 
DG  N7    C5     sing Y N 149 
DG  C5    C6     sing N N 150 
DG  C5    C4     doub Y N 151 
DG  C6    O6     doub N N 152 
DG  C6    N1     sing N N 153 
DG  N1    C2     sing N N 154 
DG  N1    H1     sing N N 155 
DG  C2    N2     sing N N 156 
DG  C2    N3     doub N N 157 
DG  N2    H21    sing N N 158 
DG  N2    H22    sing N N 159 
DG  N3    C4     sing N N 160 
DT  OP3   P      sing N N 161 
DT  OP3   HOP3   sing N N 162 
DT  P     OP1    doub N N 163 
DT  P     OP2    sing N N 164 
DT  P     "O5'"  sing N N 165 
DT  OP2   HOP2   sing N N 166 
DT  "O5'" "C5'"  sing N N 167 
DT  "C5'" "C4'"  sing N N 168 
DT  "C5'" "H5'"  sing N N 169 
DT  "C5'" "H5''" sing N N 170 
DT  "C4'" "O4'"  sing N N 171 
DT  "C4'" "C3'"  sing N N 172 
DT  "C4'" "H4'"  sing N N 173 
DT  "O4'" "C1'"  sing N N 174 
DT  "C3'" "O3'"  sing N N 175 
DT  "C3'" "C2'"  sing N N 176 
DT  "C3'" "H3'"  sing N N 177 
DT  "O3'" "HO3'" sing N N 178 
DT  "C2'" "C1'"  sing N N 179 
DT  "C2'" "H2'"  sing N N 180 
DT  "C2'" "H2''" sing N N 181 
DT  "C1'" N1     sing N N 182 
DT  "C1'" "H1'"  sing N N 183 
DT  N1    C2     sing N N 184 
DT  N1    C6     sing N N 185 
DT  C2    O2     doub N N 186 
DT  C2    N3     sing N N 187 
DT  N3    C4     sing N N 188 
DT  N3    H3     sing N N 189 
DT  C4    O4     doub N N 190 
DT  C4    C5     sing N N 191 
DT  C5    C7     sing N N 192 
DT  C5    C6     doub N N 193 
DT  C7    H71    sing N N 194 
DT  C7    H72    sing N N 195 
DT  C7    H73    sing N N 196 
DT  C6    H6     sing N N 197 
HOH O     H1     sing N N 198 
HOH O     H2     sing N N 199 
# 
loop_
_ndb_struct_conf_na.entry_id 
_ndb_struct_conf_na.feature 
4D9Y 'double helix'         
4D9Y 'mismatched base pair' 
# 
loop_
_ndb_struct_na_base_pair.model_number 
_ndb_struct_na_base_pair.i_label_asym_id 
_ndb_struct_na_base_pair.i_label_comp_id 
_ndb_struct_na_base_pair.i_label_seq_id 
_ndb_struct_na_base_pair.i_symmetry 
_ndb_struct_na_base_pair.j_label_asym_id 
_ndb_struct_na_base_pair.j_label_comp_id 
_ndb_struct_na_base_pair.j_label_seq_id 
_ndb_struct_na_base_pair.j_symmetry 
_ndb_struct_na_base_pair.shear 
_ndb_struct_na_base_pair.stretch 
_ndb_struct_na_base_pair.stagger 
_ndb_struct_na_base_pair.buckle 
_ndb_struct_na_base_pair.propeller 
_ndb_struct_na_base_pair.opening 
_ndb_struct_na_base_pair.pair_number 
_ndb_struct_na_base_pair.pair_name 
_ndb_struct_na_base_pair.i_auth_asym_id 
_ndb_struct_na_base_pair.i_auth_seq_id 
_ndb_struct_na_base_pair.i_PDB_ins_code 
_ndb_struct_na_base_pair.j_auth_asym_id 
_ndb_struct_na_base_pair.j_auth_seq_id 
_ndb_struct_na_base_pair.j_PDB_ins_code 
_ndb_struct_na_base_pair.hbond_type_28 
_ndb_struct_na_base_pair.hbond_type_12 
1 B DG 2 1_555 A DC 5 1_555 -0.289 -0.286 0.297  -19.257 -5.579  -6.882  1 B_DG208:DC105_A B 208 ? A 105 ? 19 1 
1 B DT 3 1_555 A DA 4 1_555 0.750  0.224  -0.493 4.724   -13.910 -4.004  2 B_DT209:DA104_A B 209 ? A 104 ? 20 1 
1 B DA 4 1_555 A DT 3 1_555 1.153  -0.139 0.882  -6.397  -4.631  7.029   3 B_DA210:DT103_A B 210 ? A 103 ? 20 1 
1 B DC 5 1_555 A DG 2 1_555 0.898  -0.194 0.324  1.049   7.937   -0.752  4 B_DC211:DG102_A B 211 ? A 102 ? 19 1 
1 C DG 2 1_555 D DC 5 1_555 -0.344 0.041  -0.163 -5.707  -3.501  10.803  5 C_DG302:DC411_D C 302 ? D 411 ? 19 1 
1 C DT 3 1_555 D DA 4 1_555 -0.098 -0.605 1.254  -8.841  -7.406  -11.888 6 C_DT303:DA410_D C 303 ? D 410 ? 20 1 
1 C DA 4 1_555 D DT 3 1_555 -0.047 0.428  0.330  6.144   -9.485  -0.577  7 C_DA304:DT409_D C 304 ? D 409 ? ?  ? 
1 C DC 5 1_555 D DG 2 1_555 0.375  -0.444 0.433  11.921  -13.514 -3.863  8 C_DC305:DG408_D C 305 ? D 408 ? 19 1 
# 
loop_
_ndb_struct_na_base_pair_step.model_number 
_ndb_struct_na_base_pair_step.i_label_asym_id_1 
_ndb_struct_na_base_pair_step.i_label_comp_id_1 
_ndb_struct_na_base_pair_step.i_label_seq_id_1 
_ndb_struct_na_base_pair_step.i_symmetry_1 
_ndb_struct_na_base_pair_step.j_label_asym_id_1 
_ndb_struct_na_base_pair_step.j_label_comp_id_1 
_ndb_struct_na_base_pair_step.j_label_seq_id_1 
_ndb_struct_na_base_pair_step.j_symmetry_1 
_ndb_struct_na_base_pair_step.i_label_asym_id_2 
_ndb_struct_na_base_pair_step.i_label_comp_id_2 
_ndb_struct_na_base_pair_step.i_label_seq_id_2 
_ndb_struct_na_base_pair_step.i_symmetry_2 
_ndb_struct_na_base_pair_step.j_label_asym_id_2 
_ndb_struct_na_base_pair_step.j_label_comp_id_2 
_ndb_struct_na_base_pair_step.j_label_seq_id_2 
_ndb_struct_na_base_pair_step.j_symmetry_2 
_ndb_struct_na_base_pair_step.shift 
_ndb_struct_na_base_pair_step.slide 
_ndb_struct_na_base_pair_step.rise 
_ndb_struct_na_base_pair_step.tilt 
_ndb_struct_na_base_pair_step.roll 
_ndb_struct_na_base_pair_step.twist 
_ndb_struct_na_base_pair_step.x_displacement 
_ndb_struct_na_base_pair_step.y_displacement 
_ndb_struct_na_base_pair_step.helical_rise 
_ndb_struct_na_base_pair_step.inclination 
_ndb_struct_na_base_pair_step.tip 
_ndb_struct_na_base_pair_step.helical_twist 
_ndb_struct_na_base_pair_step.step_number 
_ndb_struct_na_base_pair_step.step_name 
_ndb_struct_na_base_pair_step.i_auth_asym_id_1 
_ndb_struct_na_base_pair_step.i_auth_seq_id_1 
_ndb_struct_na_base_pair_step.i_PDB_ins_code_1 
_ndb_struct_na_base_pair_step.j_auth_asym_id_1 
_ndb_struct_na_base_pair_step.j_auth_seq_id_1 
_ndb_struct_na_base_pair_step.j_PDB_ins_code_1 
_ndb_struct_na_base_pair_step.i_auth_asym_id_2 
_ndb_struct_na_base_pair_step.i_auth_seq_id_2 
_ndb_struct_na_base_pair_step.i_PDB_ins_code_2 
_ndb_struct_na_base_pair_step.j_auth_asym_id_2 
_ndb_struct_na_base_pair_step.j_auth_seq_id_2 
_ndb_struct_na_base_pair_step.j_PDB_ins_code_2 
1 B DG 2 1_555 A DC 5 1_555 B DT 3 1_555 A DA 4 1_555 -0.757 -0.322 2.698 8.949   4.136  31.113  -1.140 2.576  2.336 7.479   
-16.183 32.601  1 BB_DG208DT209:DA104DC105_AA B 208 ? A 105 ? B 209 ? A 104 ? 
1 B DT 3 1_555 A DA 4 1_555 B DA 4 1_555 A DT 3 1_555 0.123  -0.623 3.490 -11.817 3.820  41.319  -1.247 -1.399 3.270 5.272   
16.308  43.067  2 BB_DT209DA210:DT103DA104_AA B 209 ? A 104 ? B 210 ? A 103 ? 
1 B DA 4 1_555 A DT 3 1_555 B DC 5 1_555 A DG 2 1_555 -0.037 -0.519 3.173 5.025   -1.005 24.188  -0.914 1.573  3.119 -2.364  
-11.823 24.717  3 BB_DA210DC211:DG102DT103_AA B 210 ? A 103 ? B 211 ? A 102 ? 
1 B DC 5 1_555 A DG 2 1_555 C DG 2 1_555 D DC 5 1_555 0.400  1.098  3.325 7.108   5.801  -69.323 -1.167 0.603  3.188 -5.078  6.221 
-69.852 4 BC_DC211DG302:DC411DG102_DA B 211 ? A 102 ? C 302 ? D 411 ? 
1 C DG 2 1_555 D DC 5 1_555 C DT 3 1_555 D DA 4 1_555 -1.040 -0.405 3.599 -13.277 1.387  26.166  -1.153 -1.315 3.662 2.841   
27.191  29.322  5 CC_DG302DT303:DA410DC411_DD C 302 ? D 411 ? C 303 ? D 410 ? 
1 C DT 3 1_555 D DA 4 1_555 C DA 4 1_555 D DT 3 1_555 0.367  -0.691 2.864 9.793   -7.111 38.118  -0.266 0.490  2.944 -10.568 
-14.554 39.925  6 CC_DT303DA304:DT409DA410_DD C 303 ? D 410 ? C 304 ? D 409 ? 
1 C DA 4 1_555 D DT 3 1_555 C DC 5 1_555 D DG 2 1_555 0.808  -0.811 3.113 -2.680  8.661  34.569  -2.468 -1.672 2.768 14.273  4.416 
35.703  7 CC_DA304DC305:DG408DT409_DD C 304 ? D 409 ? C 305 ? D 408 ? 
# 
loop_
_pdbx_entity_nonpoly.entity_id 
_pdbx_entity_nonpoly.name 
_pdbx_entity_nonpoly.comp_id 
2 '1,2-dimethoxy-12-methyl[1,3]benzodioxolo[5,6-c]phenanthridin-12-ium' CTI 
3 'CALCIUM ION'                                                         CA  
4 water                                                                 HOH 
# 
_pdbx_initial_refinement_model.id               1 
_pdbx_initial_refinement_model.entity_id_list   ? 
_pdbx_initial_refinement_model.type             'experimental model' 
_pdbx_initial_refinement_model.source_name      PDB 
_pdbx_initial_refinement_model.accession_code   3NP6 
_pdbx_initial_refinement_model.details          'PDB ENTRY 3NP6' 
# 
